data_6LG1
#
_entry.id   6LG1
#
_cell.length_a   77.447
_cell.length_b   87.703
_cell.length_c   201.328
_cell.angle_alpha   90.000
_cell.angle_beta   90.000
_cell.angle_gamma   90.000
#
_symmetry.space_group_name_H-M   'P 21 21 21'
#
loop_
_entity.id
_entity.type
_entity.pdbx_description
1 polymer LpCGTa
2 non-polymer "URIDINE-5'-DIPHOSPHATE"
3 water water
#
_entity_poly.entity_id   1
_entity_poly.type   'polypeptide(L)'
_entity_poly.pdbx_seq_one_letter_code
;GMRPGSSERNHPAERPTTILSGSMAPAAVPHVALLPSSGMGHLTPFLRLAAALASHGCVITFITPTPVVSAAEARHVEAF
ISSSPLFRRLEFPLLPFDVSSVVSDDPFFLQFERISRSARHLGPVLSSVSPPLSALILDVTLTSSILPIAAEISLPAYIL
FTSSAGMLSLCLSYPEIAASGGVTIKIPGVAEDLAPSSLPQPLRDPRNLFTGQFIENGRAMARADGIIINTWEALEPATL
AALQGSKAVSGFPLVIPVGPLLAASDIHTAADDLVIPWLDAQPASSVVFVSFGSRTALSAEQLRELAAGLESSGCRFLWV
LKTKKVDREDQEGEKAVDELLGEGFLQRVEWKGKVVSGWVDQRAVLDHPSVGGFVSHCGWNSVTEAALGGMRVLAWPRHG
DQRINAMVVEKSGLGKWPSLWTWEGDDEIVRREEIAGRVAELMASPAAAAAAAKVKEEAVRAATAGGSSQRQLEDLVSRF
TCSGD
;
_entity_poly.pdbx_strand_id   A,B
#
loop_
_chem_comp.id
_chem_comp.type
_chem_comp.name
_chem_comp.formula
UDP RNA linking URIDINE-5'-DIPHOSPHATE 'C9 H14 N2 O12 P2'
#
# COMPACT_ATOMS: atom_id res chain seq x y z
N ALA A 28 30.99 -41.29 -9.38
CA ALA A 28 31.12 -40.41 -10.56
C ALA A 28 30.73 -38.98 -10.19
N VAL A 29 31.18 -37.99 -10.96
CA VAL A 29 30.83 -36.58 -10.68
C VAL A 29 29.34 -36.44 -10.97
N PRO A 30 28.57 -35.73 -10.13
CA PRO A 30 27.13 -35.59 -10.34
C PRO A 30 26.81 -34.85 -11.65
N HIS A 31 25.77 -35.32 -12.33
CA HIS A 31 25.29 -34.80 -13.60
C HIS A 31 23.85 -34.36 -13.42
N VAL A 32 23.57 -33.10 -13.71
CA VAL A 32 22.27 -32.50 -13.47
C VAL A 32 21.71 -32.01 -14.80
N ALA A 33 20.40 -32.16 -14.97
CA ALA A 33 19.69 -31.77 -16.18
C ALA A 33 18.82 -30.55 -15.92
N LEU A 34 18.96 -29.52 -16.74
CA LEU A 34 18.21 -28.27 -16.61
C LEU A 34 17.27 -28.13 -17.79
N LEU A 35 15.99 -27.87 -17.50
CA LEU A 35 14.98 -27.67 -18.52
C LEU A 35 14.26 -26.35 -18.28
N PRO A 36 14.89 -25.23 -18.64
CA PRO A 36 14.32 -23.92 -18.31
C PRO A 36 13.15 -23.58 -19.23
N SER A 37 12.26 -22.71 -18.74
CA SER A 37 11.27 -22.15 -19.65
C SER A 37 11.82 -20.91 -20.36
N SER A 38 11.09 -20.48 -21.38
CA SER A 38 11.44 -19.31 -22.17
C SER A 38 11.42 -18.04 -21.34
N GLY A 39 12.26 -17.08 -21.70
CA GLY A 39 12.20 -15.77 -21.07
C GLY A 39 13.41 -15.45 -20.22
N MET A 40 13.99 -14.26 -20.35
CA MET A 40 15.22 -13.96 -19.61
C MET A 40 14.99 -13.96 -18.12
N GLY A 41 13.81 -13.58 -17.67
CA GLY A 41 13.54 -13.62 -16.25
C GLY A 41 13.58 -15.03 -15.69
N HIS A 42 13.19 -16.00 -16.52
CA HIS A 42 13.27 -17.37 -16.06
C HIS A 42 14.63 -17.97 -16.38
N LEU A 43 15.24 -17.51 -17.46
CA LEU A 43 16.47 -18.13 -17.91
C LEU A 43 17.63 -17.74 -17.04
N THR A 44 17.67 -16.49 -16.61
CA THR A 44 18.80 -16.04 -15.80
C THR A 44 19.03 -16.85 -14.55
N PRO A 45 18.03 -17.13 -13.71
CA PRO A 45 18.31 -18.03 -12.58
C PRO A 45 18.91 -19.36 -13.00
N PHE A 46 18.36 -20.02 -14.02
CA PHE A 46 18.91 -21.31 -14.42
C PHE A 46 20.39 -21.21 -14.68
N LEU A 47 20.79 -20.21 -15.47
CA LEU A 47 22.20 -20.06 -15.80
C LEU A 47 23.02 -19.80 -14.56
N ARG A 48 22.54 -18.89 -13.70
CA ARG A 48 23.24 -18.62 -12.45
C ARG A 48 23.29 -19.85 -11.55
N LEU A 49 22.20 -20.62 -11.49
CA LEU A 49 22.22 -21.85 -10.71
C LEU A 49 23.18 -22.87 -11.32
N ALA A 50 23.15 -23.01 -12.66
CA ALA A 50 24.09 -23.89 -13.35
C ALA A 50 25.53 -23.55 -13.03
N ALA A 51 25.88 -22.26 -13.08
CA ALA A 51 27.24 -21.85 -12.71
C ALA A 51 27.56 -22.18 -11.27
N ALA A 52 26.62 -21.91 -10.35
CA ALA A 52 26.83 -22.23 -8.94
C ALA A 52 27.01 -23.73 -8.74
N LEU A 53 26.14 -24.54 -9.32
CA LEU A 53 26.28 -25.99 -9.24
C LEU A 53 27.60 -26.45 -9.83
N ALA A 54 27.95 -25.98 -11.03
CA ALA A 54 29.24 -26.34 -11.60
C ALA A 54 30.39 -25.98 -10.66
N SER A 55 30.33 -24.79 -10.04
CA SER A 55 31.38 -24.38 -9.11
C SER A 55 31.58 -25.42 -8.02
N HIS A 56 30.50 -25.95 -7.46
CA HIS A 56 30.59 -26.99 -6.46
C HIS A 56 30.61 -28.37 -7.14
N GLY A 57 31.45 -28.47 -8.16
CA GLY A 57 31.78 -29.77 -8.72
C GLY A 57 30.67 -30.49 -9.47
N CYS A 58 29.89 -29.77 -10.26
CA CYS A 58 28.83 -30.43 -11.02
C CYS A 58 28.98 -30.21 -12.52
N VAL A 59 28.51 -31.19 -13.28
CA VAL A 59 28.38 -31.06 -14.73
C VAL A 59 26.89 -30.90 -15.03
N ILE A 60 26.55 -29.81 -15.72
CA ILE A 60 25.17 -29.45 -15.97
C ILE A 60 24.89 -29.65 -17.44
N THR A 61 23.81 -30.37 -17.69
CA THR A 61 23.33 -30.59 -19.07
C THR A 61 22.02 -29.83 -19.22
N PHE A 62 22.01 -28.87 -20.14
CA PHE A 62 20.87 -28.04 -20.45
C PHE A 62 20.01 -28.73 -21.50
N ILE A 63 18.77 -29.03 -21.15
CA ILE A 63 17.83 -29.56 -22.12
C ILE A 63 17.19 -28.37 -22.81
N THR A 64 17.61 -28.09 -24.03
CA THR A 64 17.07 -26.98 -24.78
C THR A 64 16.30 -27.53 -25.97
N PRO A 65 15.05 -27.14 -26.17
CA PRO A 65 14.28 -27.66 -27.29
C PRO A 65 14.63 -26.98 -28.61
N THR A 66 14.28 -27.67 -29.70
CA THR A 66 14.39 -27.15 -31.06
C THR A 66 13.02 -27.20 -31.74
N PRO A 67 12.54 -26.09 -32.33
CA PRO A 67 13.18 -24.79 -32.61
C PRO A 67 13.28 -23.87 -31.40
N VAL A 68 14.36 -23.10 -31.29
CA VAL A 68 14.51 -22.22 -30.13
C VAL A 68 13.39 -21.19 -30.15
N VAL A 69 12.84 -20.90 -28.97
CA VAL A 69 11.80 -19.88 -28.87
C VAL A 69 12.32 -18.54 -29.38
N SER A 70 13.49 -18.13 -28.88
CA SER A 70 14.11 -16.86 -29.23
C SER A 70 15.54 -17.10 -29.66
N ALA A 71 15.94 -16.52 -30.78
CA ALA A 71 17.35 -16.56 -31.14
C ALA A 71 18.18 -15.84 -30.09
N ALA A 72 17.73 -14.66 -29.66
CA ALA A 72 18.54 -13.85 -28.74
C ALA A 72 18.81 -14.58 -27.43
N GLU A 73 17.77 -15.20 -26.86
CA GLU A 73 18.00 -16.05 -25.69
C GLU A 73 18.89 -17.22 -26.02
N ALA A 74 18.68 -17.86 -27.17
CA ALA A 74 19.47 -19.02 -27.54
C ALA A 74 20.95 -18.67 -27.67
N ARG A 75 21.26 -17.49 -28.21
CA ARG A 75 22.65 -17.06 -28.31
C ARG A 75 23.27 -16.85 -26.92
N HIS A 76 22.48 -16.33 -25.98
CA HIS A 76 22.94 -16.15 -24.62
C HIS A 76 23.32 -17.49 -24.00
N VAL A 77 22.45 -18.50 -24.15
CA VAL A 77 22.71 -19.84 -23.65
C VAL A 77 23.93 -20.47 -24.33
N GLU A 78 24.02 -20.36 -25.66
CA GLU A 78 25.16 -20.93 -26.36
C GLU A 78 26.48 -20.35 -25.83
N ALA A 79 26.53 -19.04 -25.60
CA ALA A 79 27.73 -18.42 -25.04
C ALA A 79 28.06 -18.97 -23.66
N PHE A 80 27.02 -19.24 -22.87
CA PHE A 80 27.23 -19.83 -21.56
C PHE A 80 27.85 -21.23 -21.66
N ILE A 81 27.34 -22.06 -22.58
CA ILE A 81 27.86 -23.43 -22.72
C ILE A 81 29.33 -23.39 -23.15
N SER A 82 29.69 -22.37 -23.94
CA SER A 82 31.04 -22.26 -24.45
C SER A 82 32.02 -21.96 -23.33
N SER A 83 31.52 -21.41 -22.22
CA SER A 83 32.40 -20.95 -21.14
C SER A 83 33.20 -22.10 -20.57
N SER A 84 32.62 -23.29 -20.51
CA SER A 84 33.39 -24.30 -19.79
C SER A 84 32.97 -25.69 -20.22
N PRO A 85 33.83 -26.67 -19.97
CA PRO A 85 33.50 -28.06 -20.26
C PRO A 85 32.40 -28.64 -19.39
N LEU A 86 32.17 -28.06 -18.20
CA LEU A 86 31.16 -28.58 -17.29
C LEU A 86 29.74 -28.34 -17.79
N PHE A 87 29.53 -27.29 -18.57
CA PHE A 87 28.21 -27.05 -19.11
C PHE A 87 28.04 -27.76 -20.45
N ARG A 88 26.84 -28.29 -20.67
CA ARG A 88 26.55 -29.05 -21.86
C ARG A 88 25.16 -28.69 -22.40
N ARG A 89 24.99 -28.92 -23.71
CA ARG A 89 23.75 -28.64 -24.44
C ARG A 89 23.22 -29.93 -25.05
N LEU A 90 21.96 -30.23 -24.76
CA LEU A 90 21.23 -31.34 -25.38
C LEU A 90 19.90 -30.82 -25.89
N GLU A 91 19.54 -31.17 -27.13
CA GLU A 91 18.34 -30.61 -27.74
C GLU A 91 17.28 -31.67 -27.97
N PHE A 92 16.06 -31.34 -27.58
CA PHE A 92 14.88 -32.21 -27.82
C PHE A 92 14.02 -31.47 -28.85
N PRO A 93 13.74 -32.06 -30.04
CA PRO A 93 12.98 -31.36 -31.05
C PRO A 93 11.52 -31.41 -30.61
N LEU A 94 10.84 -30.27 -30.65
CA LEU A 94 9.45 -30.22 -30.23
C LEU A 94 8.60 -30.98 -31.24
N LEU A 95 7.64 -31.76 -30.74
CA LEU A 95 6.73 -32.49 -31.61
C LEU A 95 5.84 -31.51 -32.37
N PRO A 96 5.54 -31.79 -33.64
CA PRO A 96 4.67 -30.91 -34.41
C PRO A 96 3.28 -30.81 -33.79
N PHE A 97 2.70 -29.61 -33.86
CA PHE A 97 1.38 -29.40 -33.27
C PHE A 97 0.29 -29.99 -34.16
N ASP A 98 -0.81 -30.41 -33.55
CA ASP A 98 -2.01 -30.83 -34.27
C ASP A 98 -2.96 -29.65 -34.35
N VAL A 99 -3.18 -29.15 -35.57
CA VAL A 99 -3.86 -27.88 -35.75
C VAL A 99 -5.28 -27.96 -35.22
N SER A 100 -5.98 -29.07 -35.48
CA SER A 100 -7.37 -29.18 -35.00
C SER A 100 -7.44 -29.09 -33.48
N SER A 101 -6.41 -29.57 -32.79
CA SER A 101 -6.46 -29.71 -31.34
C SER A 101 -6.25 -28.39 -30.61
N VAL A 102 -5.55 -27.43 -31.22
CA VAL A 102 -5.14 -26.22 -30.52
C VAL A 102 -6.38 -25.43 -30.07
N VAL A 103 -6.28 -24.80 -28.89
CA VAL A 103 -7.41 -24.10 -28.26
C VAL A 103 -7.02 -22.65 -28.00
N SER A 104 -7.88 -21.72 -28.44
CA SER A 104 -7.91 -20.28 -28.14
C SER A 104 -6.89 -19.40 -28.88
N ASP A 105 -5.95 -19.96 -29.64
CA ASP A 105 -5.04 -19.17 -30.50
C ASP A 105 -4.19 -18.17 -29.75
N ASP A 106 -3.66 -18.56 -28.61
CA ASP A 106 -2.86 -17.60 -27.86
C ASP A 106 -1.38 -17.90 -27.97
N PRO A 107 -0.55 -16.90 -28.30
CA PRO A 107 0.89 -17.17 -28.51
C PRO A 107 1.63 -17.62 -27.26
N PHE A 108 1.25 -17.09 -26.09
CA PHE A 108 1.87 -17.55 -24.86
C PHE A 108 1.56 -19.02 -24.63
N PHE A 109 0.31 -19.42 -24.84
CA PHE A 109 -0.09 -20.78 -24.53
C PHE A 109 0.35 -21.74 -25.60
N LEU A 110 0.29 -21.33 -26.87
CA LEU A 110 0.72 -22.24 -27.91
C LEU A 110 2.18 -22.63 -27.73
N GLN A 111 3.07 -21.67 -27.40
CA GLN A 111 4.47 -22.03 -27.17
C GLN A 111 4.60 -22.98 -25.99
N PHE A 112 3.92 -22.67 -24.89
CA PHE A 112 3.87 -23.57 -23.74
C PHE A 112 3.34 -24.93 -24.14
N GLU A 113 2.36 -24.95 -25.04
CA GLU A 113 1.71 -26.20 -25.39
C GLU A 113 2.66 -27.13 -26.14
N ARG A 114 3.42 -26.59 -27.09
CA ARG A 114 4.39 -27.41 -27.81
C ARG A 114 5.45 -27.99 -26.88
N ILE A 115 6.02 -27.17 -25.98
CA ILE A 115 6.98 -27.68 -25.00
C ILE A 115 6.31 -28.69 -24.07
N SER A 116 5.10 -28.38 -23.59
CA SER A 116 4.36 -29.32 -22.75
C SER A 116 4.08 -30.63 -23.49
N ARG A 117 3.75 -30.55 -24.78
CA ARG A 117 3.36 -31.75 -25.51
C ARG A 117 4.50 -32.75 -25.65
N SER A 118 5.74 -32.29 -25.63
CA SER A 118 6.88 -33.18 -25.78
C SER A 118 7.28 -33.84 -24.46
N ALA A 119 6.51 -33.58 -23.39
CA ALA A 119 6.74 -34.17 -22.07
C ALA A 119 6.85 -35.69 -22.13
N ARG A 120 5.84 -36.35 -22.70
CA ARG A 120 5.86 -37.80 -22.82
C ARG A 120 7.13 -38.27 -23.53
N HIS A 121 7.51 -37.56 -24.60
CA HIS A 121 8.68 -37.99 -25.37
C HIS A 121 9.97 -37.83 -24.57
N LEU A 122 9.94 -37.07 -23.47
CA LEU A 122 11.18 -36.61 -22.87
C LEU A 122 11.86 -37.72 -22.06
N GLY A 123 11.06 -38.59 -21.43
CA GLY A 123 11.55 -39.65 -20.58
C GLY A 123 12.60 -40.54 -21.17
N PRO A 124 12.38 -41.11 -22.39
CA PRO A 124 13.45 -41.89 -23.06
C PRO A 124 14.77 -41.15 -23.16
N VAL A 125 14.75 -39.89 -23.59
CA VAL A 125 15.98 -39.13 -23.78
C VAL A 125 16.70 -38.97 -22.45
N LEU A 126 15.96 -38.73 -21.38
CA LEU A 126 16.56 -38.53 -20.07
C LEU A 126 17.31 -39.77 -19.62
N SER A 127 16.69 -40.95 -19.75
CA SER A 127 17.31 -42.18 -19.29
C SER A 127 18.58 -42.49 -20.08
N SER A 128 18.59 -42.18 -21.37
CA SER A 128 19.70 -42.53 -22.26
C SER A 128 20.95 -41.67 -22.06
N VAL A 129 20.87 -40.59 -21.28
CA VAL A 129 21.97 -39.63 -21.20
C VAL A 129 23.22 -40.31 -20.63
N SER A 130 24.36 -39.88 -21.14
CA SER A 130 25.62 -40.42 -20.69
C SER A 130 26.47 -39.25 -20.17
N PRO A 131 26.92 -39.28 -18.91
CA PRO A 131 26.63 -40.29 -17.87
C PRO A 131 25.22 -40.12 -17.30
N PRO A 132 24.73 -41.07 -16.52
CA PRO A 132 23.38 -40.94 -15.97
C PRO A 132 23.23 -39.69 -15.12
N LEU A 133 22.06 -39.07 -15.21
CA LEU A 133 21.82 -37.80 -14.47
C LEU A 133 21.55 -38.09 -13.01
N SER A 134 22.17 -37.32 -12.13
CA SER A 134 21.86 -37.43 -10.70
C SER A 134 20.45 -36.91 -10.41
N ALA A 135 20.02 -35.86 -11.10
CA ALA A 135 18.68 -35.32 -10.87
C ALA A 135 18.29 -34.41 -12.02
N LEU A 136 16.99 -34.16 -12.11
CA LEU A 136 16.44 -33.28 -13.13
C LEU A 136 15.83 -32.09 -12.45
N ILE A 137 16.17 -30.90 -12.89
CA ILE A 137 15.68 -29.67 -12.28
C ILE A 137 14.96 -28.87 -13.35
N LEU A 138 13.70 -28.55 -13.09
CA LEU A 138 12.86 -28.07 -14.17
C LEU A 138 12.14 -26.80 -13.75
N ASP A 139 11.79 -26.01 -14.76
CA ASP A 139 11.00 -24.82 -14.56
C ASP A 139 9.62 -25.15 -14.01
N VAL A 140 9.10 -24.24 -13.18
CA VAL A 140 7.79 -24.43 -12.58
C VAL A 140 6.72 -24.59 -13.64
N THR A 141 6.76 -23.79 -14.70
CA THR A 141 5.69 -23.82 -15.68
C THR A 141 5.57 -25.20 -16.33
N LEU A 142 6.70 -25.80 -16.70
CA LEU A 142 6.71 -27.11 -17.32
C LEU A 142 6.70 -28.24 -16.30
N THR A 143 6.54 -27.92 -15.02
CA THR A 143 6.65 -28.96 -13.99
C THR A 143 5.45 -29.89 -14.00
N SER A 144 4.25 -29.36 -14.25
CA SER A 144 3.09 -30.23 -14.34
C SER A 144 3.24 -31.27 -15.44
N SER A 145 3.72 -30.86 -16.62
CA SER A 145 3.85 -31.81 -17.73
C SER A 145 4.97 -32.82 -17.47
N ILE A 146 6.08 -32.38 -16.87
CA ILE A 146 7.27 -33.23 -16.82
C ILE A 146 7.38 -34.02 -15.52
N LEU A 147 6.72 -33.59 -14.46
CA LEU A 147 6.85 -34.32 -13.21
C LEU A 147 6.47 -35.79 -13.33
N PRO A 148 5.40 -36.18 -14.04
CA PRO A 148 5.13 -37.63 -14.20
C PRO A 148 6.25 -38.38 -14.89
N ILE A 149 6.89 -37.75 -15.87
CA ILE A 149 7.98 -38.39 -16.58
C ILE A 149 9.09 -38.81 -15.61
N ALA A 150 9.41 -37.94 -14.66
CA ALA A 150 10.52 -38.23 -13.74
C ALA A 150 10.21 -39.44 -12.86
N ALA A 151 8.97 -39.58 -12.40
CA ALA A 151 8.64 -40.67 -11.50
C ALA A 151 8.76 -42.02 -12.20
N GLU A 152 8.42 -42.08 -13.49
CA GLU A 152 8.55 -43.32 -14.25
C GLU A 152 9.99 -43.78 -14.32
N ILE A 153 10.93 -42.86 -14.55
CA ILE A 153 12.34 -43.21 -14.72
C ILE A 153 13.08 -43.09 -13.40
N SER A 154 12.33 -42.90 -12.31
CA SER A 154 12.89 -42.79 -10.96
C SER A 154 14.02 -41.76 -10.91
N LEU A 155 13.81 -40.60 -11.54
CA LEU A 155 14.80 -39.52 -11.55
C LEU A 155 14.34 -38.42 -10.61
N PRO A 156 15.18 -37.99 -9.67
CA PRO A 156 14.75 -36.93 -8.76
C PRO A 156 14.53 -35.63 -9.55
N ALA A 157 13.39 -34.99 -9.26
CA ALA A 157 12.99 -33.75 -9.91
C ALA A 157 12.91 -32.64 -8.87
N TYR A 158 13.63 -31.56 -9.13
CA TYR A 158 13.59 -30.35 -8.32
C TYR A 158 13.07 -29.22 -9.19
N ILE A 159 12.18 -28.41 -8.64
CA ILE A 159 11.67 -27.24 -9.34
C ILE A 159 12.43 -26.02 -8.85
N LEU A 160 12.92 -25.23 -9.81
CA LEU A 160 13.51 -23.93 -9.51
C LEU A 160 12.45 -22.84 -9.64
N PHE A 161 12.24 -22.08 -8.56
CA PHE A 161 11.22 -21.06 -8.49
C PHE A 161 11.87 -19.72 -8.76
N THR A 162 11.50 -19.13 -9.90
CA THR A 162 12.12 -17.88 -10.32
C THR A 162 11.76 -16.73 -9.38
N SER A 163 10.59 -16.80 -8.74
CA SER A 163 10.06 -15.67 -8.00
C SER A 163 10.42 -15.74 -6.52
N SER A 164 9.79 -14.86 -5.74
CA SER A 164 10.01 -14.75 -4.32
C SER A 164 9.27 -15.83 -3.53
N ALA A 165 9.72 -16.00 -2.28
CA ALA A 165 9.10 -16.96 -1.38
C ALA A 165 7.63 -16.62 -1.16
N GLY A 166 7.31 -15.34 -1.02
CA GLY A 166 5.91 -14.97 -0.88
C GLY A 166 5.09 -15.45 -2.06
N MET A 167 5.58 -15.18 -3.26
CA MET A 167 4.87 -15.68 -4.43
C MET A 167 4.76 -17.19 -4.36
N LEU A 168 5.85 -17.88 -3.98
CA LEU A 168 5.80 -19.34 -3.86
C LEU A 168 4.70 -19.76 -2.93
N SER A 169 4.58 -19.06 -1.81
CA SER A 169 3.51 -19.39 -0.85
C SER A 169 2.16 -19.28 -1.53
N LEU A 170 1.96 -18.28 -2.39
CA LEU A 170 0.65 -18.12 -3.06
C LEU A 170 0.40 -19.32 -3.98
N CYS A 171 1.40 -19.74 -4.74
CA CYS A 171 1.18 -20.86 -5.68
C CYS A 171 0.82 -22.12 -4.90
N LEU A 172 1.59 -22.40 -3.84
CA LEU A 172 1.39 -23.64 -3.06
C LEU A 172 0.00 -23.66 -2.43
N SER A 173 -0.49 -22.53 -1.92
CA SER A 173 -1.81 -22.54 -1.23
C SER A 173 -2.96 -22.04 -2.10
N TYR A 174 -2.70 -21.53 -3.30
CA TYR A 174 -3.81 -21.05 -4.12
C TYR A 174 -4.86 -22.11 -4.38
N PRO A 175 -4.52 -23.37 -4.64
CA PRO A 175 -5.59 -24.38 -4.85
C PRO A 175 -6.51 -24.52 -3.65
N GLU A 176 -5.95 -24.58 -2.45
CA GLU A 176 -6.80 -24.61 -1.25
C GLU A 176 -7.65 -23.36 -1.16
N ILE A 177 -7.07 -22.20 -1.44
CA ILE A 177 -7.81 -20.95 -1.37
C ILE A 177 -8.95 -20.96 -2.38
N ALA A 178 -8.71 -21.45 -3.59
CA ALA A 178 -9.72 -21.38 -4.64
C ALA A 178 -10.94 -22.19 -4.25
N ALA A 179 -10.74 -23.36 -3.64
CA ALA A 179 -11.83 -24.18 -3.13
C ALA A 179 -12.06 -23.88 -1.64
N SER A 180 -12.49 -22.65 -1.38
CA SER A 180 -12.79 -22.22 -0.02
C SER A 180 -14.03 -21.34 0.05
N GLY A 182 -11.21 -17.38 -1.67
CA GLY A 182 -12.32 -17.69 -0.76
C GLY A 182 -12.74 -16.48 0.04
N VAL A 183 -13.14 -16.66 1.30
CA VAL A 183 -13.59 -15.51 2.13
C VAL A 183 -12.41 -14.56 2.31
N THR A 184 -11.22 -15.11 2.56
CA THR A 184 -9.99 -14.30 2.73
C THR A 184 -8.85 -15.07 2.09
N ILE A 185 -7.92 -14.37 1.43
CA ILE A 185 -6.77 -15.03 0.77
C ILE A 185 -5.85 -15.63 1.84
N LYS A 186 -5.36 -14.79 2.75
CA LYS A 186 -4.52 -15.27 3.88
C LYS A 186 -3.36 -16.12 3.39
N ILE A 187 -2.56 -15.66 2.43
CA ILE A 187 -1.40 -16.52 2.05
C ILE A 187 -0.53 -16.61 3.31
N PRO A 188 -0.14 -17.82 3.76
CA PRO A 188 0.65 -18.01 4.98
C PRO A 188 1.78 -17.01 5.25
N GLY A 189 2.66 -16.80 4.28
CA GLY A 189 3.80 -15.88 4.47
C GLY A 189 3.46 -14.45 4.09
N VAL A 190 2.74 -14.27 2.97
CA VAL A 190 2.47 -12.91 2.42
C VAL A 190 1.62 -11.98 3.30
N ALA A 191 0.46 -12.42 3.81
CA ALA A 191 -0.46 -11.55 4.58
C ALA A 191 -1.66 -12.33 5.11
N GLU A 192 -2.50 -11.65 5.91
CA GLU A 192 -3.73 -12.27 6.46
C GLU A 192 -4.84 -12.13 5.41
N ASP A 193 -4.96 -10.94 4.81
CA ASP A 193 -6.01 -10.70 3.78
C ASP A 193 -5.36 -10.06 2.55
N LEU A 194 -4.63 -10.85 1.76
CA LEU A 194 -3.98 -10.32 0.53
C LEU A 194 -5.05 -9.68 -0.34
N ALA A 195 -4.77 -8.49 -0.85
CA ALA A 195 -5.75 -7.79 -1.67
C ALA A 195 -5.89 -8.46 -3.03
N PRO A 196 -7.10 -8.56 -3.55
CA PRO A 196 -7.29 -9.04 -4.94
C PRO A 196 -6.48 -8.28 -5.98
N SER A 197 -6.30 -6.96 -5.82
CA SER A 197 -5.48 -6.21 -6.74
C SER A 197 -4.06 -6.74 -6.78
N SER A 198 -3.54 -7.21 -5.64
CA SER A 198 -2.19 -7.77 -5.58
C SER A 198 -2.06 -9.10 -6.32
N LEU A 199 -3.17 -9.79 -6.53
CA LEU A 199 -3.09 -11.03 -7.26
C LEU A 199 -2.84 -10.73 -8.72
N PRO A 200 -2.11 -11.61 -9.40
CA PRO A 200 -1.89 -11.47 -10.84
C PRO A 200 -3.18 -11.29 -11.61
N GLN A 201 -3.16 -10.35 -12.55
CA GLN A 201 -4.39 -10.02 -13.27
C GLN A 201 -5.04 -11.23 -13.95
N PRO A 202 -4.31 -12.19 -14.53
CA PRO A 202 -5.01 -13.37 -15.08
C PRO A 202 -5.79 -14.14 -14.03
N LEU A 203 -5.27 -14.21 -12.80
CA LEU A 203 -5.92 -14.97 -11.74
C LEU A 203 -7.26 -14.39 -11.33
N ARG A 204 -7.54 -13.16 -11.73
CA ARG A 204 -8.75 -12.50 -11.26
C ARG A 204 -9.99 -13.18 -11.82
N ASP A 205 -9.89 -13.74 -13.03
CA ASP A 205 -10.99 -14.55 -13.54
C ASP A 205 -10.71 -16.02 -13.25
N PRO A 206 -11.46 -16.65 -12.34
CA PRO A 206 -11.14 -18.04 -11.97
C PRO A 206 -11.38 -19.06 -13.08
N ARG A 207 -12.40 -18.86 -13.91
CA ARG A 207 -12.71 -19.83 -14.96
C ARG A 207 -11.89 -19.52 -16.21
N ASN A 208 -10.59 -19.74 -16.11
CA ASN A 208 -9.65 -19.45 -17.19
C ASN A 208 -8.66 -20.60 -17.29
N LEU A 209 -8.08 -20.76 -18.48
CA LEU A 209 -7.06 -21.78 -18.65
C LEU A 209 -5.83 -21.44 -17.82
N PHE A 210 -5.44 -20.17 -17.82
CA PHE A 210 -4.34 -19.71 -16.97
C PHE A 210 -4.64 -19.99 -15.50
N THR A 211 -5.84 -19.64 -15.02
CA THR A 211 -6.16 -19.92 -13.62
C THR A 211 -6.11 -21.43 -13.33
N GLY A 212 -6.55 -22.26 -14.28
CA GLY A 212 -6.44 -23.70 -14.11
C GLY A 212 -5.01 -24.21 -14.21
N GLN A 213 -4.25 -23.68 -15.17
CA GLN A 213 -2.83 -24.02 -15.27
C GLN A 213 -2.10 -23.65 -13.99
N PHE A 214 -2.38 -22.48 -13.45
CA PHE A 214 -1.80 -22.06 -12.17
C PHE A 214 -2.13 -23.07 -11.08
N ILE A 215 -3.39 -23.51 -11.02
CA ILE A 215 -3.83 -24.40 -9.95
C ILE A 215 -3.16 -25.77 -10.08
N GLU A 216 -2.96 -26.25 -11.32
CA GLU A 216 -2.28 -27.52 -11.53
C GLU A 216 -0.82 -27.46 -11.08
N ASN A 217 -0.11 -26.39 -11.46
CA ASN A 217 1.29 -26.28 -11.08
C ASN A 217 1.47 -26.27 -9.56
N GLY A 218 0.64 -25.51 -8.86
CA GLY A 218 0.74 -25.48 -7.41
C GLY A 218 0.60 -26.86 -6.81
N ARG A 219 -0.43 -27.60 -7.21
CA ARG A 219 -0.59 -28.98 -6.74
C ARG A 219 0.64 -29.80 -7.07
N ALA A 220 1.11 -29.68 -8.31
CA ALA A 220 2.26 -30.46 -8.74
C ALA A 220 3.47 -30.19 -7.86
N MET A 221 3.63 -28.94 -7.42
CA MET A 221 4.88 -28.58 -6.76
C MET A 221 5.05 -29.31 -5.44
N ALA A 222 3.96 -29.72 -4.81
CA ALA A 222 4.10 -30.49 -3.57
C ALA A 222 4.71 -31.84 -3.85
N ARG A 223 4.34 -32.45 -4.98
CA ARG A 223 4.80 -33.80 -5.25
C ARG A 223 6.30 -33.83 -5.45
N ALA A 224 6.87 -32.75 -5.99
CA ALA A 224 8.26 -32.71 -6.41
C ALA A 224 9.21 -32.96 -5.25
N ASP A 225 10.41 -33.43 -5.58
CA ASP A 225 11.37 -33.81 -4.54
C ASP A 225 11.92 -32.58 -3.84
N GLY A 226 11.97 -31.46 -4.54
CA GLY A 226 12.42 -30.24 -3.88
C GLY A 226 12.08 -29.03 -4.71
N ILE A 227 12.02 -27.89 -4.03
CA ILE A 227 11.75 -26.60 -4.66
C ILE A 227 12.85 -25.62 -4.28
N ILE A 228 13.54 -25.10 -5.29
CA ILE A 228 14.65 -24.18 -5.11
C ILE A 228 14.18 -22.77 -5.44
N ILE A 229 14.54 -21.82 -4.58
CA ILE A 229 14.13 -20.43 -4.76
C ILE A 229 15.38 -19.58 -4.67
N ASN A 230 15.28 -18.40 -5.27
CA ASN A 230 16.31 -17.37 -5.13
C ASN A 230 15.96 -16.45 -3.96
N THR A 231 16.06 -16.99 -2.75
CA THR A 231 15.84 -16.19 -1.55
C THR A 231 16.74 -16.65 -0.42
N TRP A 232 16.77 -15.86 0.64
CA TRP A 232 17.48 -16.22 1.85
C TRP A 232 16.63 -15.88 3.06
N GLU A 233 16.97 -16.54 4.19
CA GLU A 233 16.27 -16.36 5.45
C GLU A 233 16.21 -14.90 5.87
N ALA A 234 17.32 -14.16 5.70
CA ALA A 234 17.36 -12.76 6.11
C ALA A 234 16.32 -11.95 5.38
N LEU A 235 16.12 -12.23 4.09
CA LEU A 235 15.28 -11.40 3.25
C LEU A 235 13.81 -11.63 3.56
N GLU A 236 13.41 -12.89 3.63
CA GLU A 236 12.02 -13.28 3.86
C GLU A 236 11.93 -14.23 5.04
N PRO A 237 12.25 -13.76 6.25
CA PRO A 237 12.22 -14.68 7.40
C PRO A 237 10.84 -15.28 7.67
N ALA A 238 9.79 -14.46 7.67
CA ALA A 238 8.47 -14.96 7.99
C ALA A 238 7.97 -15.94 6.93
N THR A 239 8.04 -15.57 5.66
CA THR A 239 7.51 -16.44 4.61
C THR A 239 8.29 -17.76 4.55
N LEU A 240 9.61 -17.71 4.70
CA LEU A 240 10.40 -18.92 4.70
C LEU A 240 10.08 -19.80 5.90
N ALA A 241 9.88 -19.17 7.07
CA ALA A 241 9.54 -19.93 8.27
C ALA A 241 8.28 -20.76 8.05
N ALA A 242 7.25 -20.15 7.47
CA ALA A 242 6.02 -20.87 7.18
C ALA A 242 6.29 -22.02 6.22
N LEU A 243 7.13 -21.79 5.22
CA LEU A 243 7.39 -22.82 4.24
C LEU A 243 8.16 -23.98 4.85
N GLN A 244 8.99 -23.68 5.85
CA GLN A 244 9.76 -24.73 6.55
C GLN A 244 8.76 -25.76 7.07
N GLY A 245 7.59 -25.25 7.46
CA GLY A 245 6.48 -26.06 7.97
C GLY A 245 5.88 -26.99 6.92
N SER A 246 5.74 -26.53 5.68
CA SER A 246 5.04 -27.39 4.68
C SER A 246 5.78 -28.71 4.50
N LYS A 247 7.10 -28.67 4.26
CA LYS A 247 7.97 -29.89 4.19
C LYS A 247 7.33 -31.00 3.34
N ALA A 248 6.59 -30.61 2.30
CA ALA A 248 5.83 -31.60 1.51
C ALA A 248 6.77 -32.59 0.81
N VAL A 249 8.08 -32.32 0.79
CA VAL A 249 8.96 -33.30 0.09
C VAL A 249 8.93 -34.59 0.90
N SER A 250 8.95 -35.75 0.25
CA SER A 250 8.90 -36.95 1.10
C SER A 250 10.21 -37.05 1.88
N GLY A 251 10.13 -36.99 3.21
CA GLY A 251 11.28 -37.11 4.12
C GLY A 251 12.23 -35.93 4.15
N PHE A 252 11.86 -34.73 3.68
CA PHE A 252 12.78 -33.61 3.69
C PHE A 252 12.00 -32.31 3.51
N PRO A 253 12.60 -31.17 3.85
CA PRO A 253 11.91 -29.89 3.61
C PRO A 253 11.77 -29.65 2.11
N LEU A 254 10.58 -29.25 1.69
CA LEU A 254 10.32 -29.01 0.27
C LEU A 254 11.11 -27.83 -0.26
N VAL A 255 11.18 -26.73 0.50
CA VAL A 255 11.77 -25.49 0.01
C VAL A 255 13.27 -25.44 0.33
N ILE A 256 14.07 -25.20 -0.70
CA ILE A 256 15.52 -25.10 -0.59
C ILE A 256 15.89 -23.69 -1.05
N PRO A 257 16.26 -22.79 -0.16
CA PRO A 257 16.67 -21.46 -0.62
C PRO A 257 18.16 -21.35 -0.83
N VAL A 258 18.57 -21.12 -2.07
CA VAL A 258 19.97 -20.98 -2.40
C VAL A 258 20.32 -19.54 -2.76
N GLY A 259 19.32 -18.64 -2.72
CA GLY A 259 19.54 -17.25 -3.13
C GLY A 259 20.41 -16.47 -2.16
N PRO A 260 21.22 -15.50 -2.60
CA PRO A 260 21.09 -14.93 -3.93
C PRO A 260 22.10 -15.51 -4.92
N LEU A 261 21.60 -16.08 -6.01
CA LEU A 261 22.47 -16.56 -7.06
C LEU A 261 23.25 -15.39 -7.63
N LEU A 262 24.53 -15.59 -7.88
CA LEU A 262 25.40 -14.50 -8.28
C LEU A 262 26.25 -14.93 -9.47
N ALA A 263 26.22 -14.16 -10.54
CA ALA A 263 27.04 -14.45 -11.71
C ALA A 263 27.10 -13.26 -12.65
N ASP A 273 29.90 -0.09 -24.34
CA ASP A 273 28.57 0.55 -24.42
C ASP A 273 28.60 2.02 -24.07
N LEU A 274 27.48 2.69 -24.32
CA LEU A 274 27.39 4.11 -24.06
C LEU A 274 27.12 4.39 -22.58
N VAL A 275 26.50 3.42 -21.89
CA VAL A 275 25.90 3.69 -20.59
C VAL A 275 26.95 3.82 -19.51
N ILE A 276 27.81 2.82 -19.36
CA ILE A 276 28.85 2.89 -18.34
C ILE A 276 29.65 4.17 -18.49
N PRO A 277 30.26 4.49 -19.63
CA PRO A 277 31.02 5.76 -19.70
C PRO A 277 30.26 6.95 -19.15
N TRP A 278 28.99 7.09 -19.52
CA TRP A 278 28.18 8.17 -18.99
C TRP A 278 28.02 8.05 -17.48
N LEU A 279 27.85 6.83 -16.98
CA LEU A 279 27.72 6.61 -15.55
C LEU A 279 28.95 7.09 -14.80
N ASP A 280 30.16 6.84 -15.34
CA ASP A 280 31.39 7.11 -14.60
C ASP A 280 31.55 8.60 -14.38
N ALA A 281 31.07 9.38 -15.33
CA ALA A 281 31.08 10.82 -15.23
C ALA A 281 30.24 11.29 -14.03
N GLN A 282 29.14 10.60 -13.78
CA GLN A 282 28.15 11.11 -12.87
C GLN A 282 28.64 11.04 -11.43
N PRO A 283 28.23 12.00 -10.58
CA PRO A 283 28.69 12.02 -9.18
C PRO A 283 28.16 10.84 -8.36
N ALA A 284 28.85 10.55 -7.26
CA ALA A 284 28.56 9.38 -6.46
C ALA A 284 27.12 9.37 -5.99
N SER A 285 26.43 8.26 -6.21
CA SER A 285 25.11 8.02 -5.65
C SER A 285 24.12 9.12 -6.03
N SER A 286 24.24 9.61 -7.25
CA SER A 286 23.37 10.67 -7.72
C SER A 286 22.37 10.22 -8.77
N VAL A 287 22.52 9.02 -9.32
CA VAL A 287 21.80 8.64 -10.52
C VAL A 287 20.63 7.75 -10.14
N VAL A 288 19.44 8.10 -10.61
CA VAL A 288 18.26 7.26 -10.50
C VAL A 288 18.25 6.31 -11.69
N PHE A 289 18.23 5.01 -11.40
CA PHE A 289 18.14 3.99 -12.44
C PHE A 289 16.70 3.55 -12.55
N VAL A 290 16.13 3.64 -13.75
CA VAL A 290 14.75 3.26 -13.98
C VAL A 290 14.73 2.25 -15.13
N SER A 291 14.21 1.05 -14.83
CA SER A 291 14.16 -0.08 -15.75
C SER A 291 13.07 -1.02 -15.28
N PHE A 292 12.27 -1.54 -16.21
CA PHE A 292 11.20 -2.50 -15.92
C PHE A 292 11.50 -3.90 -16.44
N GLY A 293 12.77 -4.28 -16.59
CA GLY A 293 13.10 -5.67 -16.95
C GLY A 293 13.06 -5.96 -18.45
N SER A 294 12.87 -7.25 -18.76
CA SER A 294 12.84 -7.70 -20.16
C SER A 294 11.52 -7.34 -20.85
N ARG A 295 10.40 -7.46 -20.13
CA ARG A 295 9.08 -7.05 -20.62
C ARG A 295 8.58 -5.83 -19.85
N THR A 296 8.49 -4.69 -20.54
CA THR A 296 8.08 -3.44 -19.86
C THR A 296 6.99 -2.76 -20.69
N ALA A 297 5.80 -3.33 -20.70
CA ALA A 297 4.70 -2.70 -21.45
C ALA A 297 4.17 -1.50 -20.67
N LEU A 298 4.65 -0.30 -21.00
CA LEU A 298 4.13 0.92 -20.38
C LEU A 298 3.45 1.78 -21.46
N SER A 299 2.17 2.12 -21.22
CA SER A 299 1.39 2.77 -22.27
C SER A 299 2.00 4.12 -22.64
N ALA A 300 1.65 4.57 -23.85
CA ALA A 300 2.15 5.86 -24.33
C ALA A 300 1.78 7.00 -23.40
N GLU A 301 0.52 7.07 -22.98
CA GLU A 301 0.15 8.10 -22.03
C GLU A 301 0.98 7.98 -20.75
N GLN A 302 1.19 6.76 -20.25
CA GLN A 302 1.97 6.63 -19.03
C GLN A 302 3.43 7.04 -19.28
N LEU A 303 3.97 6.62 -20.42
CA LEU A 303 5.36 6.92 -20.79
C LEU A 303 5.65 8.41 -20.66
N ARG A 304 4.74 9.25 -21.14
CA ARG A 304 4.95 10.71 -21.09
C ARG A 304 5.12 11.13 -19.63
N GLU A 305 4.28 10.59 -18.75
CA GLU A 305 4.32 10.99 -17.32
C GLU A 305 5.66 10.61 -16.69
N LEU A 306 6.15 9.41 -16.91
CA LEU A 306 7.47 9.03 -16.32
C LEU A 306 8.53 10.01 -16.80
N ALA A 307 8.47 10.42 -18.06
CA ALA A 307 9.50 11.34 -18.54
C ALA A 307 9.38 12.68 -17.85
N ALA A 308 8.18 13.25 -17.87
CA ALA A 308 7.94 14.50 -17.16
C ALA A 308 8.31 14.38 -15.69
N GLY A 309 7.86 13.33 -15.03
CA GLY A 309 8.18 13.15 -13.61
C GLY A 309 9.66 13.07 -13.36
N LEU A 310 10.35 12.29 -14.19
CA LEU A 310 11.81 12.14 -14.05
C LEU A 310 12.45 13.51 -14.29
N GLU A 311 11.98 14.21 -15.31
CA GLU A 311 12.53 15.54 -15.64
C GLU A 311 12.32 16.47 -14.46
N SER A 312 11.09 16.49 -13.93
CA SER A 312 10.71 17.41 -12.86
C SER A 312 11.45 17.12 -11.56
N SER A 313 11.69 15.85 -11.25
CA SER A 313 12.31 15.52 -9.97
C SER A 313 13.61 16.30 -9.77
N GLY A 314 14.34 16.57 -10.83
CA GLY A 314 15.57 17.35 -10.73
C GLY A 314 16.78 16.57 -10.26
N CYS A 315 16.68 15.25 -10.15
CA CYS A 315 17.86 14.43 -9.88
C CYS A 315 18.20 13.67 -11.14
N ARG A 316 19.43 13.15 -11.16
CA ARG A 316 19.96 12.52 -12.36
C ARG A 316 19.27 11.19 -12.58
N PHE A 317 19.24 10.73 -13.82
CA PHE A 317 18.47 9.52 -14.04
C PHE A 317 18.91 8.84 -15.32
N LEU A 318 19.09 7.51 -15.25
CA LEU A 318 19.42 6.68 -16.39
C LEU A 318 18.20 5.80 -16.65
N TRP A 319 17.46 6.10 -17.70
CA TRP A 319 16.19 5.47 -18.02
C TRP A 319 16.37 4.50 -19.20
N VAL A 320 16.13 3.22 -18.98
CA VAL A 320 16.28 2.23 -20.05
C VAL A 320 14.91 1.80 -20.53
N LEU A 321 14.79 1.58 -21.83
CA LEU A 321 13.56 1.10 -22.45
C LEU A 321 13.89 -0.05 -23.41
N GLU A 339 10.85 6.04 -31.28
CA GLU A 339 9.66 6.90 -31.31
C GLU A 339 9.77 8.06 -30.31
N LEU A 340 9.64 9.27 -30.86
CA LEU A 340 9.89 10.50 -30.11
C LEU A 340 8.61 10.96 -29.43
N LEU A 341 8.30 10.32 -28.30
CA LEU A 341 7.19 10.77 -27.48
C LEU A 341 7.41 12.19 -26.97
N GLY A 342 8.63 12.53 -26.55
CA GLY A 342 8.96 13.91 -26.20
C GLY A 342 9.89 14.60 -27.18
N GLU A 343 9.52 15.79 -27.67
CA GLU A 343 10.26 16.42 -28.76
C GLU A 343 11.50 17.15 -28.26
N GLY A 344 11.32 18.04 -27.28
CA GLY A 344 12.43 18.71 -26.62
C GLY A 344 12.82 18.18 -25.27
N PHE A 345 12.28 17.02 -24.88
CA PHE A 345 12.56 16.44 -23.57
C PHE A 345 14.01 16.04 -23.43
N LEU A 346 14.56 15.40 -24.45
CA LEU A 346 15.95 14.93 -24.38
C LEU A 346 16.94 16.09 -24.37
N GLN A 347 16.68 17.13 -25.17
CA GLN A 347 17.55 18.29 -25.12
C GLN A 347 17.54 18.94 -23.74
N ARG A 348 16.36 19.17 -23.19
CA ARG A 348 16.27 19.88 -21.90
C ARG A 348 17.02 19.12 -20.80
N VAL A 349 16.87 17.80 -20.75
CA VAL A 349 17.46 17.00 -19.64
C VAL A 349 18.77 16.34 -20.05
N GLU A 350 19.38 16.75 -21.15
CA GLU A 350 20.60 16.09 -21.61
C GLU A 350 21.70 16.17 -20.57
N TRP A 351 21.79 17.31 -19.85
CA TRP A 351 22.80 17.40 -18.80
C TRP A 351 22.46 16.47 -17.65
N LYS A 352 21.17 16.24 -17.40
CA LYS A 352 20.78 15.50 -16.18
C LYS A 352 20.71 13.99 -16.37
N GLY A 353 20.35 13.50 -17.53
CA GLY A 353 20.14 12.06 -17.58
C GLY A 353 20.26 11.44 -18.94
N LYS A 354 20.47 10.13 -18.95
CA LYS A 354 20.60 9.35 -20.18
C LYS A 354 19.44 8.38 -20.31
N VAL A 355 18.72 8.45 -21.44
CA VAL A 355 17.66 7.49 -21.72
C VAL A 355 18.05 6.68 -22.95
N VAL A 356 18.12 5.36 -22.79
CA VAL A 356 18.57 4.46 -23.85
C VAL A 356 17.56 3.33 -24.03
N SER A 357 17.51 2.76 -25.23
CA SER A 357 16.52 1.73 -25.53
C SER A 357 17.09 0.33 -25.60
N GLY A 358 18.37 0.16 -25.46
CA GLY A 358 18.91 -1.17 -25.61
C GLY A 358 18.88 -2.01 -24.33
N TRP A 359 19.25 -3.28 -24.49
CA TRP A 359 19.62 -4.14 -23.38
C TRP A 359 20.91 -3.66 -22.72
N VAL A 360 20.93 -3.68 -21.37
CA VAL A 360 22.05 -3.09 -20.65
C VAL A 360 22.52 -4.00 -19.52
N ASP A 361 23.77 -3.79 -19.10
CA ASP A 361 24.38 -4.64 -18.06
C ASP A 361 23.85 -4.16 -16.72
N GLN A 362 22.68 -4.66 -16.36
CA GLN A 362 22.02 -4.17 -15.15
C GLN A 362 22.88 -4.40 -13.91
N ARG A 363 23.59 -5.53 -13.86
CA ARG A 363 24.44 -5.82 -12.71
C ARG A 363 25.54 -4.78 -12.56
N ALA A 364 26.14 -4.37 -13.66
CA ALA A 364 27.13 -3.31 -13.59
C ALA A 364 26.49 -2.01 -13.13
N VAL A 365 25.33 -1.67 -13.71
CA VAL A 365 24.62 -0.48 -13.28
C VAL A 365 24.42 -0.52 -11.77
N LEU A 366 23.82 -1.60 -11.27
CA LEU A 366 23.48 -1.65 -9.86
C LEU A 366 24.71 -1.65 -8.97
N ASP A 367 25.82 -2.17 -9.46
CA ASP A 367 27.03 -2.12 -8.67
C ASP A 367 27.77 -0.79 -8.83
N HIS A 368 27.34 0.07 -9.74
CA HIS A 368 28.11 1.28 -10.02
C HIS A 368 28.03 2.24 -8.83
N PRO A 369 29.12 2.95 -8.52
CA PRO A 369 29.09 3.84 -7.36
C PRO A 369 28.28 5.11 -7.61
N SER A 370 28.07 5.48 -8.87
CA SER A 370 27.42 6.76 -9.15
C SER A 370 25.89 6.63 -9.06
N VAL A 371 25.35 5.42 -9.20
CA VAL A 371 23.92 5.28 -9.02
C VAL A 371 23.58 5.28 -7.53
N GLY A 372 22.46 5.95 -7.19
CA GLY A 372 21.98 6.15 -5.84
C GLY A 372 20.61 5.58 -5.56
N GLY A 373 19.79 5.36 -6.58
CA GLY A 373 18.45 4.83 -6.41
C GLY A 373 17.98 4.09 -7.65
N PHE A 374 17.12 3.11 -7.43
CA PHE A 374 16.64 2.23 -8.47
C PHE A 374 15.12 2.22 -8.51
N VAL A 375 14.52 2.59 -9.64
CA VAL A 375 13.08 2.48 -9.84
C VAL A 375 12.78 1.24 -10.69
N SER A 376 12.06 0.29 -10.13
CA SER A 376 11.90 -0.98 -10.84
C SER A 376 10.50 -1.53 -10.76
N HIS A 377 10.31 -2.57 -11.58
CA HIS A 377 9.05 -3.31 -11.72
C HIS A 377 9.06 -4.47 -10.74
N CYS A 378 10.11 -4.56 -9.93
CA CYS A 378 10.17 -5.55 -8.85
C CYS A 378 10.08 -6.99 -9.36
N GLY A 379 10.63 -7.24 -10.55
CA GLY A 379 11.00 -8.59 -10.93
C GLY A 379 11.96 -9.18 -9.92
N TRP A 380 11.74 -10.44 -9.54
CA TRP A 380 12.56 -11.03 -8.49
C TRP A 380 14.03 -10.99 -8.85
N ASN A 381 14.34 -11.18 -10.13
CA ASN A 381 15.74 -11.07 -10.52
C ASN A 381 16.24 -9.65 -10.29
N SER A 382 15.42 -8.66 -10.62
CA SER A 382 15.84 -7.25 -10.36
C SER A 382 15.83 -6.99 -8.87
N VAL A 383 14.81 -7.45 -8.15
CA VAL A 383 14.77 -7.16 -6.71
C VAL A 383 16.02 -7.72 -6.02
N THR A 384 16.39 -8.96 -6.32
CA THR A 384 17.54 -9.58 -5.67
C THR A 384 18.84 -8.89 -6.09
N GLU A 385 18.92 -8.46 -7.33
CA GLU A 385 20.16 -7.77 -7.77
C GLU A 385 20.33 -6.50 -6.95
N ALA A 386 19.27 -5.72 -6.85
CA ALA A 386 19.32 -4.48 -6.07
C ALA A 386 19.69 -4.83 -4.64
N ALA A 387 19.15 -5.92 -4.11
CA ALA A 387 19.46 -6.22 -2.71
C ALA A 387 20.95 -6.45 -2.49
N LEU A 388 21.59 -7.18 -3.39
CA LEU A 388 23.05 -7.26 -3.34
C LEU A 388 23.70 -5.90 -3.50
N GLY A 389 23.18 -5.06 -4.39
CA GLY A 389 23.75 -3.73 -4.56
C GLY A 389 23.44 -2.82 -3.37
N GLY A 390 22.34 -3.07 -2.69
CA GLY A 390 21.90 -2.11 -1.73
C GLY A 390 21.38 -0.81 -2.30
N MET A 391 21.02 -0.76 -3.59
CA MET A 391 20.35 0.44 -4.10
C MET A 391 18.92 0.44 -3.56
N ARG A 392 18.50 1.58 -3.01
CA ARG A 392 17.12 1.73 -2.58
C ARG A 392 16.21 1.65 -3.80
N VAL A 393 15.05 1.04 -3.61
CA VAL A 393 14.14 0.79 -4.71
C VAL A 393 12.88 1.63 -4.50
N LEU A 394 12.33 2.12 -5.61
CA LEU A 394 10.98 2.64 -5.66
C LEU A 394 10.19 1.63 -6.45
N ALA A 395 9.30 0.92 -5.78
CA ALA A 395 8.58 -0.22 -6.31
C ALA A 395 7.37 0.24 -7.10
N TRP A 396 7.43 0.06 -8.40
CA TRP A 396 6.26 0.24 -9.25
C TRP A 396 5.92 -1.06 -9.95
N PRO A 397 5.28 -2.01 -9.26
CA PRO A 397 5.01 -3.33 -9.87
C PRO A 397 4.11 -3.18 -11.10
N ARG A 398 4.42 -3.91 -12.16
CA ARG A 398 3.63 -3.73 -13.40
C ARG A 398 2.67 -4.89 -13.61
N HIS A 399 3.12 -6.13 -13.46
CA HIS A 399 2.17 -7.24 -13.71
C HIS A 399 2.60 -8.54 -13.02
N GLY A 400 1.71 -9.52 -13.03
CA GLY A 400 1.97 -10.87 -12.50
C GLY A 400 2.25 -10.90 -11.02
N ASP A 401 3.43 -11.39 -10.66
CA ASP A 401 3.83 -11.56 -9.24
C ASP A 401 4.55 -10.32 -8.71
N GLN A 402 4.74 -9.31 -9.54
CA GLN A 402 5.52 -8.10 -9.15
C GLN A 402 4.90 -7.36 -7.96
N ARG A 403 3.58 -7.35 -7.82
CA ARG A 403 2.94 -6.64 -6.69
C ARG A 403 3.35 -7.31 -5.38
N ILE A 404 3.38 -8.64 -5.35
CA ILE A 404 3.80 -9.41 -4.13
C ILE A 404 5.28 -9.11 -3.85
N ASN A 405 6.08 -8.99 -4.89
CA ASN A 405 7.53 -8.68 -4.75
C ASN A 405 7.70 -7.31 -4.11
N ALA A 406 6.84 -6.36 -4.46
CA ALA A 406 6.91 -4.99 -3.91
C ALA A 406 6.75 -5.04 -2.38
N MET A 407 5.86 -5.89 -1.87
CA MET A 407 5.69 -6.00 -0.41
C MET A 407 7.00 -6.45 0.21
N VAL A 408 7.67 -7.42 -0.41
CA VAL A 408 8.98 -7.88 0.10
C VAL A 408 9.97 -6.71 0.08
N VAL A 409 9.96 -5.89 -0.96
CA VAL A 409 10.88 -4.71 -0.98
C VAL A 409 10.52 -3.78 0.18
N GLU A 410 9.24 -3.49 0.41
CA GLU A 410 8.89 -2.56 1.53
C GLU A 410 9.20 -3.19 2.89
N LYS A 411 8.86 -4.46 3.09
CA LYS A 411 9.07 -5.13 4.40
C LYS A 411 10.56 -5.18 4.70
N SER A 412 11.38 -5.45 3.68
CA SER A 412 12.85 -5.55 3.82
C SER A 412 13.44 -4.23 4.25
N GLY A 413 12.89 -3.14 3.74
CA GLY A 413 13.47 -1.80 3.96
C GLY A 413 14.37 -1.43 2.79
N LEU A 414 14.43 -2.32 1.80
CA LEU A 414 15.20 -2.14 0.54
C LEU A 414 14.62 -0.97 -0.22
N GLY A 415 13.30 -0.85 -0.23
CA GLY A 415 12.65 0.25 -0.98
C GLY A 415 11.29 0.58 -0.42
N LYS A 416 10.68 1.65 -0.91
CA LYS A 416 9.33 2.07 -0.47
C LYS A 416 8.36 1.76 -1.61
N TRP A 417 7.21 1.18 -1.32
CA TRP A 417 6.25 0.84 -2.39
C TRP A 417 5.03 1.76 -2.30
N PRO A 418 4.72 2.55 -3.34
CA PRO A 418 3.52 3.37 -3.32
C PRO A 418 2.38 2.47 -3.77
N SER A 419 1.60 1.93 -2.82
CA SER A 419 0.51 0.99 -3.13
C SER A 419 -0.47 1.56 -4.16
N LEU A 420 -0.84 2.82 -4.04
CA LEU A 420 -1.91 3.38 -4.91
C LEU A 420 -1.53 3.38 -6.39
N TRP A 421 -0.25 3.22 -6.72
CA TRP A 421 0.18 3.22 -8.13
C TRP A 421 -0.47 2.08 -8.90
N THR A 422 -0.92 2.38 -10.12
CA THR A 422 -1.68 1.42 -10.97
C THR A 422 -0.80 0.33 -11.60
N TRP A 423 -1.49 -0.73 -11.99
CA TRP A 423 -1.10 -2.03 -12.60
C TRP A 423 -1.30 -1.94 -14.13
N GLU A 424 -0.73 -2.84 -14.94
CA GLU A 424 -1.05 -2.72 -16.39
C GLU A 424 -2.54 -3.02 -16.62
N GLY A 425 -3.16 -3.75 -15.71
CA GLY A 425 -4.54 -4.15 -15.88
C GLY A 425 -5.45 -2.95 -15.84
N ASP A 426 -5.46 -2.28 -14.71
CA ASP A 426 -6.20 -1.05 -14.57
C ASP A 426 -5.49 0.07 -15.31
N ASP A 427 -6.26 0.99 -15.88
CA ASP A 427 -5.67 2.08 -16.68
C ASP A 427 -6.23 3.43 -16.23
N GLU A 428 -5.80 3.81 -15.04
CA GLU A 428 -5.70 5.18 -14.57
C GLU A 428 -4.21 5.47 -14.43
N ILE A 429 -3.72 6.46 -15.18
CA ILE A 429 -2.28 6.71 -15.24
C ILE A 429 -1.78 7.27 -13.93
N VAL A 430 -0.51 7.02 -13.64
CA VAL A 430 0.23 7.71 -12.58
C VAL A 430 0.75 9.05 -13.12
N ARG A 431 0.27 10.15 -12.54
CA ARG A 431 0.61 11.53 -12.99
C ARG A 431 2.08 11.86 -12.69
N ARG A 432 2.66 12.80 -13.42
CA ARG A 432 4.09 13.17 -13.25
C ARG A 432 4.35 13.82 -11.89
N GLU A 433 3.37 14.52 -11.35
CA GLU A 433 3.58 15.20 -10.05
C GLU A 433 3.90 14.15 -8.98
N GLU A 434 3.31 12.95 -9.09
CA GLU A 434 3.56 11.94 -8.07
C GLU A 434 4.88 11.22 -8.32
N ILE A 435 5.18 10.92 -9.59
CA ILE A 435 6.45 10.30 -9.95
C ILE A 435 7.63 11.17 -9.50
N ALA A 436 7.58 12.47 -9.81
CA ALA A 436 8.66 13.38 -9.43
C ALA A 436 8.86 13.43 -7.92
N GLY A 437 7.78 13.50 -7.16
CA GLY A 437 7.92 13.62 -5.72
C GLY A 437 8.43 12.35 -5.10
N ARG A 438 7.85 11.22 -5.50
CA ARG A 438 8.27 9.94 -4.92
C ARG A 438 9.70 9.60 -5.31
N VAL A 439 10.07 9.85 -6.57
CA VAL A 439 11.45 9.59 -7.01
C VAL A 439 12.44 10.47 -6.25
N ALA A 440 12.20 11.79 -6.26
CA ALA A 440 13.08 12.71 -5.54
C ALA A 440 13.19 12.37 -4.06
N GLU A 441 12.05 12.09 -3.41
CA GLU A 441 12.10 11.79 -1.98
C GLU A 441 12.97 10.58 -1.70
N LEU A 442 12.87 9.56 -2.56
CA LEU A 442 13.67 8.36 -2.39
C LEU A 442 15.16 8.69 -2.41
N MET A 443 15.60 9.42 -3.43
CA MET A 443 16.97 9.86 -3.46
C MET A 443 17.29 10.75 -2.26
N ALA A 444 16.36 11.60 -1.86
CA ALA A 444 16.69 12.51 -0.75
C ALA A 444 16.82 11.78 0.56
N SER A 445 16.26 10.59 0.68
CA SER A 445 16.07 10.04 2.02
C SER A 445 17.27 9.21 2.46
N PRO A 446 18.03 9.64 3.46
CA PRO A 446 19.24 8.88 3.83
C PRO A 446 18.91 7.60 4.56
N ALA A 447 17.86 7.60 5.38
CA ALA A 447 17.43 6.41 6.10
C ALA A 447 17.14 5.25 5.14
N ALA A 448 16.56 5.56 3.98
CA ALA A 448 16.27 4.53 2.98
C ALA A 448 17.56 3.87 2.47
N ALA A 449 18.63 4.65 2.31
CA ALA A 449 19.92 4.09 1.94
C ALA A 449 20.46 3.18 3.04
N ALA A 450 20.37 3.61 4.30
CA ALA A 450 20.82 2.76 5.38
C ALA A 450 20.07 1.44 5.40
N ALA A 451 18.75 1.48 5.21
CA ALA A 451 18.00 0.23 5.19
C ALA A 451 18.49 -0.68 4.08
N ALA A 452 18.71 -0.13 2.89
CA ALA A 452 19.21 -0.93 1.79
C ALA A 452 20.61 -1.46 2.11
N ALA A 453 21.46 -0.62 2.73
CA ALA A 453 22.78 -1.09 3.14
C ALA A 453 22.68 -2.30 4.04
N LYS A 454 21.72 -2.30 4.96
CA LYS A 454 21.53 -3.43 5.86
C LYS A 454 21.08 -4.66 5.08
N VAL A 455 20.27 -4.44 4.02
CA VAL A 455 19.84 -5.54 3.16
C VAL A 455 21.04 -6.19 2.48
N LYS A 456 21.92 -5.36 1.96
CA LYS A 456 23.10 -5.88 1.29
C LYS A 456 23.93 -6.73 2.25
N GLU A 457 24.19 -6.23 3.46
CA GLU A 457 25.04 -6.96 4.40
C GLU A 457 24.52 -8.36 4.60
N GLU A 458 23.24 -8.49 4.94
CA GLU A 458 22.69 -9.80 5.22
C GLU A 458 22.67 -10.65 3.97
N ALA A 459 22.35 -10.05 2.82
CA ALA A 459 22.36 -10.79 1.57
C ALA A 459 23.75 -11.29 1.25
N VAL A 460 24.76 -10.45 1.46
CA VAL A 460 26.15 -10.89 1.33
C VAL A 460 26.45 -12.01 2.33
N ARG A 461 26.01 -11.85 3.57
CA ARG A 461 26.23 -12.87 4.60
C ARG A 461 25.73 -14.23 4.14
N ALA A 462 24.47 -14.28 3.66
CA ALA A 462 23.92 -15.55 3.20
C ALA A 462 24.71 -16.10 2.04
N ALA A 463 25.23 -15.21 1.18
CA ALA A 463 25.89 -15.65 -0.05
C ALA A 463 27.32 -16.09 0.23
N THR A 464 27.98 -15.49 1.20
CA THR A 464 29.35 -15.86 1.49
C THR A 464 29.39 -17.21 2.22
N ALA A 465 30.61 -17.75 2.29
CA ALA A 465 30.84 -19.06 2.89
C ALA A 465 30.32 -19.12 4.31
N GLY A 466 29.64 -20.22 4.65
CA GLY A 466 28.95 -20.36 5.91
C GLY A 466 27.58 -19.72 5.97
N GLY A 467 27.16 -19.02 4.92
CA GLY A 467 25.87 -18.39 4.93
C GLY A 467 24.77 -19.41 4.79
N SER A 468 23.56 -18.99 5.14
CA SER A 468 22.36 -19.88 5.11
C SER A 468 22.25 -20.59 3.77
N SER A 469 22.19 -19.82 2.69
CA SER A 469 22.03 -20.35 1.31
C SER A 469 23.24 -21.16 0.88
N GLN A 470 24.43 -20.58 1.02
CA GLN A 470 25.69 -21.21 0.57
C GLN A 470 25.75 -22.58 1.23
N ARG A 471 25.48 -22.62 2.53
CA ARG A 471 25.36 -23.91 3.18
C ARG A 471 24.24 -24.72 2.55
N GLN A 472 23.07 -24.12 2.33
CA GLN A 472 21.96 -24.89 1.75
C GLN A 472 22.30 -25.40 0.36
N LEU A 473 23.06 -24.61 -0.43
CA LEU A 473 23.49 -25.07 -1.75
C LEU A 473 24.46 -26.24 -1.63
N GLU A 474 25.39 -26.14 -0.67
CA GLU A 474 26.31 -27.23 -0.40
C GLU A 474 25.56 -28.52 -0.07
N ASP A 475 24.58 -28.43 0.83
CA ASP A 475 23.83 -29.61 1.19
C ASP A 475 23.13 -30.22 -0.03
N LEU A 476 22.59 -29.37 -0.92
CA LEU A 476 21.87 -29.88 -2.10
C LEU A 476 22.80 -30.65 -3.01
N VAL A 477 24.04 -30.21 -3.13
CA VAL A 477 24.95 -30.92 -4.02
C VAL A 477 25.27 -32.28 -3.42
N SER A 478 25.34 -32.38 -2.10
CA SER A 478 25.56 -33.66 -1.45
C SER A 478 24.46 -34.65 -1.80
N ARG A 479 23.21 -34.19 -1.85
CA ARG A 479 22.10 -35.09 -2.18
C ARG A 479 22.32 -35.72 -3.53
N PHE A 480 22.85 -34.95 -4.49
CA PHE A 480 23.09 -35.47 -5.82
C PHE A 480 24.22 -36.50 -5.84
N THR A 481 25.07 -36.51 -4.82
CA THR A 481 26.20 -37.41 -4.70
C THR A 481 26.03 -38.24 -3.42
N CYS A 482 25.42 -39.40 -3.58
CA CYS A 482 25.21 -40.32 -2.47
C CYS A 482 26.09 -41.55 -2.68
N SER A 483 26.05 -42.45 -1.70
CA SER A 483 26.78 -43.72 -1.80
C SER A 483 26.10 -44.69 -2.77
N ALA B 28 -30.41 41.11 6.82
CA ALA B 28 -30.77 40.40 8.05
C ALA B 28 -29.83 39.19 8.34
N VAL B 29 -29.95 38.61 9.53
CA VAL B 29 -29.00 37.61 10.03
C VAL B 29 -29.70 36.25 10.00
N PRO B 30 -29.22 35.29 9.20
CA PRO B 30 -29.86 33.98 9.15
C PRO B 30 -29.62 33.18 10.42
N HIS B 31 -30.53 32.23 10.68
CA HIS B 31 -30.52 31.43 11.89
C HIS B 31 -30.33 29.98 11.51
N VAL B 32 -29.28 29.36 12.05
CA VAL B 32 -28.85 28.03 11.67
C VAL B 32 -28.82 27.15 12.91
N ALA B 33 -29.45 25.98 12.83
CA ALA B 33 -29.46 25.01 13.91
C ALA B 33 -28.49 23.88 13.60
N LEU B 34 -27.69 23.50 14.60
CA LEU B 34 -26.66 22.47 14.44
C LEU B 34 -26.97 21.28 15.33
N LEU B 35 -27.06 20.10 14.73
CA LEU B 35 -27.34 18.87 15.47
C LEU B 35 -26.14 17.95 15.41
N PRO B 36 -25.24 18.03 16.37
CA PRO B 36 -24.04 17.17 16.37
C PRO B 36 -24.34 15.75 16.82
N SER B 37 -23.29 14.92 16.85
CA SER B 37 -23.35 13.55 17.38
C SER B 37 -22.23 13.33 18.39
N SER B 38 -22.37 12.24 19.14
CA SER B 38 -21.46 11.99 20.26
C SER B 38 -20.04 11.83 19.73
N GLY B 39 -19.06 12.25 20.52
CA GLY B 39 -17.69 11.95 20.13
C GLY B 39 -16.92 13.17 19.67
N MET B 40 -15.69 13.32 20.20
CA MET B 40 -14.90 14.50 19.86
C MET B 40 -14.67 14.59 18.36
N GLY B 41 -14.49 13.46 17.69
CA GLY B 41 -14.23 13.50 16.26
C GLY B 41 -15.37 14.16 15.50
N HIS B 42 -16.60 13.96 15.95
CA HIS B 42 -17.70 14.64 15.30
C HIS B 42 -17.89 16.01 15.89
N LEU B 43 -17.46 16.20 17.13
CA LEU B 43 -17.84 17.41 17.85
C LEU B 43 -16.98 18.60 17.45
N THR B 44 -15.65 18.42 17.41
CA THR B 44 -14.75 19.47 16.97
C THR B 44 -15.17 20.10 15.64
N PRO B 45 -15.41 19.37 14.56
CA PRO B 45 -15.81 20.05 13.32
C PRO B 45 -17.03 20.91 13.45
N PHE B 46 -18.04 20.42 14.15
CA PHE B 46 -19.28 21.17 14.34
C PHE B 46 -19.02 22.50 15.03
N LEU B 47 -18.25 22.47 16.12
CA LEU B 47 -17.86 23.72 16.75
C LEU B 47 -17.15 24.63 15.76
N ARG B 48 -16.17 24.07 15.02
CA ARG B 48 -15.42 24.86 14.06
C ARG B 48 -16.30 25.35 12.92
N LEU B 49 -17.23 24.52 12.46
CA LEU B 49 -18.19 24.94 11.44
C LEU B 49 -19.12 26.01 12.00
N ALA B 50 -19.55 25.87 13.25
CA ALA B 50 -20.39 26.89 13.86
C ALA B 50 -19.65 28.21 13.97
N ALA B 51 -18.40 28.15 14.41
CA ALA B 51 -17.56 29.34 14.51
C ALA B 51 -17.45 30.07 13.16
N ALA B 52 -17.28 29.34 12.06
CA ALA B 52 -17.12 30.00 10.78
C ALA B 52 -18.43 30.61 10.31
N LEU B 53 -19.54 29.91 10.55
CA LEU B 53 -20.83 30.48 10.16
C LEU B 53 -21.13 31.76 10.93
N ALA B 54 -20.80 31.79 12.23
CA ALA B 54 -20.97 33.03 12.98
C ALA B 54 -20.11 34.13 12.39
N SER B 55 -18.89 33.80 11.99
CA SER B 55 -18.00 34.81 11.43
C SER B 55 -18.53 35.41 10.12
N HIS B 56 -19.35 34.66 9.38
CA HIS B 56 -19.95 35.19 8.17
C HIS B 56 -21.37 35.69 8.42
N GLY B 57 -21.73 35.98 9.69
CA GLY B 57 -22.95 36.70 10.04
C GLY B 57 -24.09 35.86 10.57
N CYS B 58 -24.00 34.54 10.45
CA CYS B 58 -25.11 33.73 10.87
C CYS B 58 -25.17 33.66 12.37
N VAL B 59 -26.36 33.31 12.86
CA VAL B 59 -26.58 33.09 14.27
C VAL B 59 -26.89 31.62 14.45
N ILE B 60 -26.28 31.00 15.46
CA ILE B 60 -26.19 29.55 15.56
C ILE B 60 -26.92 29.07 16.82
N THR B 61 -27.74 28.04 16.64
CA THR B 61 -28.44 27.39 17.77
C THR B 61 -28.09 25.90 17.76
N PHE B 62 -27.34 25.46 18.75
CA PHE B 62 -26.96 24.06 18.88
C PHE B 62 -28.11 23.29 19.47
N ILE B 63 -28.46 22.19 18.83
CA ILE B 63 -29.42 21.24 19.38
C ILE B 63 -28.61 20.16 20.07
N THR B 64 -28.69 20.12 21.39
CA THR B 64 -27.97 19.06 22.14
C THR B 64 -29.03 18.28 22.88
N PRO B 65 -29.19 16.97 22.65
CA PRO B 65 -30.21 16.19 23.32
C PRO B 65 -29.67 15.83 24.71
N THR B 66 -30.56 15.65 25.68
CA THR B 66 -30.14 15.34 27.07
C THR B 66 -30.80 14.03 27.49
N PRO B 67 -30.11 13.12 28.22
CA PRO B 67 -28.85 13.44 28.88
C PRO B 67 -27.65 13.20 27.97
N VAL B 68 -26.61 14.01 28.14
CA VAL B 68 -25.42 13.91 27.28
C VAL B 68 -24.77 12.56 27.47
N VAL B 69 -24.27 11.98 26.38
CA VAL B 69 -23.50 10.74 26.45
C VAL B 69 -22.26 10.92 27.31
N SER B 70 -21.55 12.04 27.14
CA SER B 70 -20.28 12.22 27.81
C SER B 70 -20.26 13.59 28.49
N ALA B 71 -20.02 13.58 29.80
CA ALA B 71 -19.82 14.83 30.53
C ALA B 71 -18.62 15.59 29.98
N ALA B 72 -17.54 14.88 29.63
CA ALA B 72 -16.33 15.55 29.18
C ALA B 72 -16.55 16.28 27.86
N GLU B 73 -17.26 15.65 26.93
CA GLU B 73 -17.56 16.31 25.66
C GLU B 73 -18.52 17.48 25.87
N ALA B 74 -19.35 17.40 26.92
CA ALA B 74 -20.33 18.44 27.18
C ALA B 74 -19.67 19.73 27.62
N ARG B 75 -18.56 19.61 28.35
CA ARG B 75 -17.83 20.80 28.76
C ARG B 75 -17.40 21.63 27.55
N HIS B 76 -16.87 20.99 26.50
CA HIS B 76 -16.44 21.74 25.31
C HIS B 76 -17.58 22.53 24.71
N VAL B 77 -18.71 21.87 24.47
CA VAL B 77 -19.89 22.57 23.94
C VAL B 77 -20.30 23.70 24.87
N GLU B 78 -20.34 23.45 26.17
CA GLU B 78 -20.78 24.51 27.07
C GLU B 78 -19.88 25.73 26.94
N ALA B 79 -18.56 25.53 27.05
CA ALA B 79 -17.64 26.66 27.02
C ALA B 79 -17.74 27.42 25.71
N PHE B 80 -17.84 26.69 24.61
CA PHE B 80 -17.97 27.34 23.31
C PHE B 80 -19.24 28.18 23.26
N ILE B 81 -20.38 27.58 23.57
CA ILE B 81 -21.65 28.31 23.56
C ILE B 81 -21.62 29.46 24.58
N SER B 82 -20.98 29.24 25.73
CA SER B 82 -20.90 30.23 26.79
C SER B 82 -20.20 31.50 26.31
N SER B 83 -19.31 31.36 25.34
CA SER B 83 -18.43 32.46 24.97
C SER B 83 -19.18 33.57 24.24
N SER B 84 -20.27 33.25 23.58
CA SER B 84 -20.87 34.31 22.81
C SER B 84 -22.38 34.18 22.73
N PRO B 85 -23.08 35.31 22.66
CA PRO B 85 -24.52 35.33 22.35
C PRO B 85 -24.86 34.91 20.93
N LEU B 86 -23.87 34.65 20.06
CA LEU B 86 -24.21 34.28 18.71
C LEU B 86 -24.63 32.81 18.64
N PHE B 87 -24.24 32.05 19.65
CA PHE B 87 -24.60 30.65 19.80
C PHE B 87 -25.51 30.47 21.01
N ARG B 88 -26.55 29.63 20.83
CA ARG B 88 -27.47 29.22 21.90
C ARG B 88 -27.54 27.70 21.93
N ARG B 89 -27.80 27.16 23.13
CA ARG B 89 -27.95 25.72 23.34
C ARG B 89 -29.42 25.41 23.47
N LEU B 90 -29.85 24.35 22.81
CA LEU B 90 -31.18 23.79 22.95
C LEU B 90 -31.01 22.38 23.49
N GLU B 91 -31.61 22.10 24.64
CA GLU B 91 -31.54 20.77 25.23
C GLU B 91 -32.74 19.98 24.74
N PHE B 92 -32.48 18.78 24.22
CA PHE B 92 -33.54 17.89 23.76
C PHE B 92 -33.61 16.68 24.67
N PRO B 93 -34.75 16.38 25.27
CA PRO B 93 -34.84 15.19 26.13
C PRO B 93 -34.67 13.94 25.30
N LEU B 94 -33.73 13.08 25.72
CA LEU B 94 -33.40 11.85 24.96
C LEU B 94 -34.61 10.92 24.84
N LEU B 95 -35.56 11.01 25.78
CA LEU B 95 -36.79 10.21 25.79
C LEU B 95 -36.44 8.74 25.55
N PRO B 96 -35.40 8.21 26.21
CA PRO B 96 -34.97 6.83 25.95
C PRO B 96 -36.00 5.84 26.46
N PHE B 97 -36.16 4.74 25.72
CA PHE B 97 -37.07 3.66 26.09
C PHE B 97 -36.28 2.37 26.32
N SER B 104 -30.45 -6.13 20.19
CA SER B 104 -29.02 -6.40 20.07
C SER B 104 -28.26 -5.85 21.28
N ASP B 105 -28.78 -4.77 21.85
CA ASP B 105 -28.20 -4.13 23.03
C ASP B 105 -26.73 -3.77 22.84
N ASP B 106 -26.38 -3.28 21.65
CA ASP B 106 -25.02 -2.80 21.40
C ASP B 106 -24.76 -1.49 22.15
N PRO B 107 -23.59 -1.33 22.76
CA PRO B 107 -23.39 -0.17 23.66
C PRO B 107 -23.40 1.18 22.95
N PHE B 108 -22.59 1.36 21.92
CA PHE B 108 -22.61 2.62 21.18
C PHE B 108 -23.96 2.84 20.51
N PHE B 109 -24.54 1.77 19.98
CA PHE B 109 -25.80 1.85 19.24
C PHE B 109 -26.96 2.24 20.15
N LEU B 110 -26.91 1.82 21.41
CA LEU B 110 -27.95 2.19 22.36
C LEU B 110 -28.06 3.70 22.48
N GLN B 111 -26.92 4.38 22.63
CA GLN B 111 -26.93 5.84 22.67
C GLN B 111 -27.53 6.43 21.39
N PHE B 112 -27.19 5.84 20.25
CA PHE B 112 -27.68 6.37 18.97
C PHE B 112 -29.16 6.08 18.77
N GLU B 113 -29.56 4.87 19.18
CA GLU B 113 -30.97 4.44 19.11
C GLU B 113 -31.79 5.44 19.89
N ARG B 114 -31.46 5.70 21.17
CA ARG B 114 -32.10 6.69 22.03
C ARG B 114 -31.99 8.08 21.42
N ILE B 115 -30.84 8.33 20.79
CA ILE B 115 -30.53 9.63 20.12
C ILE B 115 -31.41 9.76 18.88
N SER B 116 -31.65 8.60 18.27
CA SER B 116 -32.40 8.51 16.99
C SER B 116 -33.86 8.23 17.27
N ARG B 117 -34.17 7.75 18.47
CA ARG B 117 -35.58 7.44 18.76
C ARG B 117 -36.42 8.72 18.78
N SER B 118 -35.84 9.75 19.38
CA SER B 118 -36.53 11.04 19.60
C SER B 118 -36.71 11.79 18.28
N ALA B 119 -36.17 11.21 17.21
CA ALA B 119 -36.23 11.80 15.84
C ALA B 119 -37.63 12.32 15.52
N ARG B 120 -38.67 11.52 15.70
CA ARG B 120 -40.03 11.99 15.36
C ARG B 120 -40.36 13.23 16.18
N HIS B 121 -40.17 13.13 17.49
CA HIS B 121 -40.54 14.20 18.45
C HIS B 121 -39.85 15.52 18.13
N LEU B 122 -38.63 15.44 17.64
CA LEU B 122 -37.85 16.66 17.41
C LEU B 122 -38.57 17.61 16.48
N GLY B 123 -39.37 17.09 15.54
CA GLY B 123 -40.04 17.89 14.54
C GLY B 123 -40.79 19.09 15.05
N PRO B 124 -41.69 18.92 16.01
CA PRO B 124 -42.40 20.10 16.54
C PRO B 124 -41.46 21.11 17.17
N VAL B 125 -40.45 20.63 17.91
CA VAL B 125 -39.48 21.52 18.56
C VAL B 125 -38.74 22.37 17.53
N LEU B 126 -38.37 21.78 16.41
CA LEU B 126 -37.70 22.56 15.38
C LEU B 126 -38.58 23.71 14.91
N SER B 127 -39.86 23.45 14.66
CA SER B 127 -40.72 24.50 14.15
C SER B 127 -40.93 25.59 15.20
N SER B 128 -40.86 25.22 16.48
CA SER B 128 -41.16 26.17 17.54
C SER B 128 -40.06 27.21 17.71
N VAL B 129 -38.85 26.90 17.25
CA VAL B 129 -37.69 27.73 17.54
C VAL B 129 -37.82 29.10 16.85
N SER B 130 -37.40 30.15 17.56
CA SER B 130 -37.45 31.49 17.00
C SER B 130 -36.09 32.14 17.19
N PRO B 131 -35.67 32.97 16.27
CA PRO B 131 -36.28 33.33 14.99
C PRO B 131 -36.25 32.14 14.05
N PRO B 132 -37.10 32.12 13.04
CA PRO B 132 -37.19 30.94 12.17
C PRO B 132 -35.82 30.60 11.57
N LEU B 133 -35.49 29.30 11.63
CA LEU B 133 -34.20 28.83 11.18
C LEU B 133 -34.10 28.95 9.68
N SER B 134 -32.98 29.48 9.19
CA SER B 134 -32.77 29.43 7.75
C SER B 134 -32.60 27.99 7.29
N ALA B 135 -31.88 27.19 8.07
CA ALA B 135 -31.63 25.82 7.66
C ALA B 135 -31.16 25.04 8.87
N LEU B 136 -31.16 23.71 8.71
CA LEU B 136 -30.71 22.79 9.72
C LEU B 136 -29.50 22.08 9.15
N ILE B 137 -28.49 21.85 9.98
CA ILE B 137 -27.30 21.12 9.58
C ILE B 137 -27.09 19.99 10.56
N LEU B 138 -27.19 18.75 10.07
CA LEU B 138 -27.15 17.56 10.91
C LEU B 138 -26.00 16.62 10.56
N ASP B 139 -25.62 15.85 11.56
CA ASP B 139 -24.55 14.87 11.46
C ASP B 139 -24.94 13.72 10.53
N VAL B 140 -23.94 13.17 9.83
CA VAL B 140 -24.17 12.09 8.88
C VAL B 140 -24.85 10.92 9.57
N THR B 141 -24.37 10.56 10.75
CA THR B 141 -24.87 9.37 11.46
C THR B 141 -26.37 9.45 11.67
N LEU B 142 -26.87 10.62 12.06
CA LEU B 142 -28.30 10.82 12.26
C LEU B 142 -29.03 11.22 10.96
N THR B 143 -28.35 11.13 9.81
CA THR B 143 -28.92 11.62 8.55
C THR B 143 -30.21 10.89 8.22
N SER B 144 -30.19 9.56 8.33
CA SER B 144 -31.39 8.78 8.02
C SER B 144 -32.56 9.17 8.92
N SER B 145 -32.29 9.45 10.19
CA SER B 145 -33.38 9.62 11.15
C SER B 145 -34.06 10.99 11.00
N ILE B 146 -33.27 12.06 10.83
CA ILE B 146 -33.78 13.44 10.92
C ILE B 146 -34.14 14.02 9.55
N LEU B 147 -33.58 13.48 8.47
CA LEU B 147 -33.93 13.98 7.15
C LEU B 147 -35.45 13.96 6.89
N PRO B 148 -36.20 12.90 7.20
CA PRO B 148 -37.67 12.99 7.01
C PRO B 148 -38.32 14.10 7.85
N ILE B 149 -37.89 14.27 9.10
CA ILE B 149 -38.45 15.33 9.94
C ILE B 149 -38.26 16.70 9.29
N ALA B 150 -37.04 16.99 8.83
CA ALA B 150 -36.78 18.26 8.16
C ALA B 150 -37.63 18.41 6.89
N ALA B 151 -37.76 17.33 6.11
CA ALA B 151 -38.58 17.36 4.90
C ALA B 151 -40.06 17.56 5.24
N GLU B 152 -40.49 17.06 6.40
CA GLU B 152 -41.89 17.17 6.80
C GLU B 152 -42.29 18.62 7.01
N ILE B 153 -41.40 19.41 7.61
CA ILE B 153 -41.70 20.80 7.94
C ILE B 153 -41.15 21.77 6.91
N SER B 154 -40.69 21.27 5.76
CA SER B 154 -40.16 22.10 4.69
C SER B 154 -38.96 22.92 5.16
N LEU B 155 -38.09 22.28 5.95
CA LEU B 155 -36.87 22.92 6.41
C LEU B 155 -35.68 22.37 5.65
N PRO B 156 -34.91 23.22 4.96
CA PRO B 156 -33.72 22.73 4.24
C PRO B 156 -32.77 22.02 5.19
N ALA B 157 -32.25 20.88 4.72
CA ALA B 157 -31.41 20.03 5.55
C ALA B 157 -30.06 19.83 4.89
N TYR B 158 -29.01 20.15 5.62
CA TYR B 158 -27.64 20.02 5.14
C TYR B 158 -26.90 19.06 6.05
N ILE B 159 -26.06 18.23 5.45
CA ILE B 159 -25.35 17.22 6.22
C ILE B 159 -23.91 17.66 6.37
N LEU B 160 -23.39 17.57 7.58
CA LEU B 160 -21.98 17.82 7.84
C LEU B 160 -21.28 16.47 7.84
N PHE B 161 -20.34 16.28 6.93
CA PHE B 161 -19.57 15.06 6.84
C PHE B 161 -18.25 15.28 7.56
N THR B 162 -17.99 14.50 8.60
CA THR B 162 -16.77 14.70 9.35
C THR B 162 -15.54 14.24 8.59
N SER B 163 -15.70 13.19 7.79
CA SER B 163 -14.58 12.49 7.11
C SER B 163 -14.12 13.13 5.82
N SER B 164 -13.14 12.46 5.19
CA SER B 164 -12.58 12.80 3.89
C SER B 164 -13.60 12.63 2.75
N ALA B 165 -13.28 13.25 1.61
CA ALA B 165 -14.14 13.10 0.44
C ALA B 165 -14.10 11.67 -0.10
N GLY B 166 -12.97 11.00 0.03
CA GLY B 166 -12.94 9.58 -0.32
C GLY B 166 -13.93 8.77 0.49
N MET B 167 -13.94 8.95 1.81
CA MET B 167 -14.94 8.30 2.65
C MET B 167 -16.36 8.68 2.21
N LEU B 168 -16.61 9.96 1.96
CA LEU B 168 -17.92 10.38 1.48
C LEU B 168 -18.24 9.70 0.17
N SER B 169 -17.24 9.61 -0.72
CA SER B 169 -17.41 8.96 -2.02
C SER B 169 -17.72 7.48 -1.87
N LEU B 170 -17.04 6.81 -0.96
CA LEU B 170 -17.43 5.45 -0.63
C LEU B 170 -18.87 5.40 -0.16
N CYS B 171 -19.26 6.30 0.75
CA CYS B 171 -20.59 6.23 1.35
C CYS B 171 -21.67 6.42 0.30
N LEU B 172 -21.50 7.39 -0.58
CA LEU B 172 -22.57 7.72 -1.52
C LEU B 172 -22.82 6.57 -2.49
N SER B 173 -21.75 5.92 -2.93
CA SER B 173 -21.86 4.92 -3.99
C SER B 173 -21.92 3.51 -3.47
N TYR B 174 -21.73 3.30 -2.17
CA TYR B 174 -21.77 1.93 -1.65
C TYR B 174 -23.10 1.22 -1.87
N PRO B 175 -24.28 1.85 -1.76
CA PRO B 175 -25.50 1.07 -2.00
C PRO B 175 -25.51 0.41 -3.37
N GLU B 176 -25.10 1.13 -4.42
CA GLU B 176 -24.98 0.55 -5.75
C GLU B 176 -23.97 -0.59 -5.77
N ILE B 177 -22.85 -0.42 -5.06
CA ILE B 177 -21.79 -1.44 -5.08
C ILE B 177 -22.29 -2.74 -4.48
N ALA B 178 -23.11 -2.67 -3.42
CA ALA B 178 -23.52 -3.90 -2.73
C ALA B 178 -24.43 -4.77 -3.57
N ALA B 179 -25.22 -4.13 -4.45
CA ALA B 179 -26.07 -4.90 -5.35
C ALA B 179 -25.27 -5.81 -6.28
N SER B 180 -24.25 -5.27 -6.95
CA SER B 180 -23.49 -6.01 -7.96
C SER B 180 -21.98 -5.82 -7.72
N GLY B 181 -21.47 -6.45 -6.67
CA GLY B 181 -20.06 -6.39 -6.32
C GLY B 181 -19.35 -7.73 -6.20
N THR B 184 -14.71 -6.07 -8.03
CA THR B 184 -15.63 -4.92 -7.90
C THR B 184 -15.04 -3.90 -6.93
N ILE B 185 -15.87 -3.32 -6.07
CA ILE B 185 -15.43 -2.30 -5.07
C ILE B 185 -14.71 -1.14 -5.77
N LYS B 186 -15.30 -0.59 -6.83
CA LYS B 186 -14.69 0.57 -7.50
C LYS B 186 -15.33 1.83 -6.92
N ILE B 187 -14.60 2.60 -6.12
CA ILE B 187 -15.20 3.81 -5.50
C ILE B 187 -14.86 4.99 -6.39
N PRO B 188 -15.86 5.65 -7.00
CA PRO B 188 -15.65 6.75 -7.92
C PRO B 188 -14.61 7.78 -7.51
N GLY B 189 -14.48 8.04 -6.22
CA GLY B 189 -13.50 9.09 -5.85
C GLY B 189 -12.05 8.65 -5.90
N VAL B 190 -11.68 7.50 -5.31
CA VAL B 190 -10.22 7.20 -5.28
C VAL B 190 -9.86 5.73 -5.46
N ALA B 191 -10.70 4.87 -6.06
CA ALA B 191 -10.26 3.45 -6.15
C ALA B 191 -10.87 2.70 -7.33
N GLU B 192 -10.02 2.17 -8.21
CA GLU B 192 -10.49 1.36 -9.37
C GLU B 192 -11.03 0.06 -8.79
N ASP B 193 -10.29 -0.49 -7.83
CA ASP B 193 -10.66 -1.71 -7.07
C ASP B 193 -10.06 -1.53 -5.68
N LEU B 194 -10.89 -1.11 -4.73
CA LEU B 194 -10.35 -0.85 -3.37
C LEU B 194 -10.09 -2.18 -2.70
N ALA B 195 -8.96 -2.32 -2.03
CA ALA B 195 -8.70 -3.58 -1.34
C ALA B 195 -9.77 -3.72 -0.26
N PRO B 196 -10.29 -4.94 0.00
CA PRO B 196 -11.34 -5.15 1.01
C PRO B 196 -10.91 -4.74 2.43
N SER B 197 -9.62 -4.83 2.74
CA SER B 197 -9.10 -4.41 4.06
C SER B 197 -9.41 -2.93 4.26
N SER B 198 -9.26 -2.11 3.23
CA SER B 198 -9.51 -0.64 3.34
C SER B 198 -10.94 -0.30 3.78
N LEU B 199 -11.90 -1.21 3.64
CA LEU B 199 -13.29 -0.92 4.04
C LEU B 199 -13.34 -0.94 5.56
N PRO B 200 -14.22 -0.18 6.23
CA PRO B 200 -14.34 -0.20 7.67
C PRO B 200 -14.61 -1.65 8.12
N GLN B 201 -13.98 -2.04 9.22
CA GLN B 201 -13.95 -3.44 9.67
C GLN B 201 -15.36 -4.00 9.84
N PRO B 202 -16.34 -3.28 10.39
CA PRO B 202 -17.70 -3.82 10.45
C PRO B 202 -18.29 -4.12 9.08
N LEU B 203 -17.99 -3.30 8.08
CA LEU B 203 -18.58 -3.44 6.73
C LEU B 203 -18.11 -4.70 6.00
N ARG B 204 -17.22 -5.52 6.57
CA ARG B 204 -16.74 -6.63 5.78
C ARG B 204 -17.81 -7.69 5.59
N ASP B 205 -18.66 -7.91 6.59
CA ASP B 205 -19.70 -8.93 6.47
C ASP B 205 -21.03 -8.28 6.08
N PRO B 206 -21.63 -8.70 4.94
CA PRO B 206 -22.82 -7.97 4.43
C PRO B 206 -24.06 -8.14 5.30
N ARG B 207 -24.33 -9.36 5.77
CA ARG B 207 -25.46 -9.60 6.66
C ARG B 207 -25.09 -9.14 8.07
N ASN B 208 -24.99 -7.81 8.22
CA ASN B 208 -24.57 -7.20 9.47
C ASN B 208 -25.52 -6.06 9.76
N LEU B 209 -25.68 -5.76 11.06
CA LEU B 209 -26.50 -4.62 11.43
C LEU B 209 -25.87 -3.34 10.90
N PHE B 210 -24.55 -3.23 11.01
CA PHE B 210 -23.83 -2.05 10.54
C PHE B 210 -24.03 -1.85 9.05
N THR B 211 -23.97 -2.94 8.26
CA THR B 211 -24.08 -2.82 6.82
C THR B 211 -25.42 -2.22 6.41
N GLY B 212 -26.50 -2.62 7.08
CA GLY B 212 -27.81 -2.10 6.73
C GLY B 212 -27.94 -0.60 6.98
N GLN B 213 -27.46 -0.14 8.13
CA GLN B 213 -27.50 1.28 8.44
C GLN B 213 -26.64 2.07 7.44
N PHE B 214 -25.48 1.52 7.11
CA PHE B 214 -24.55 2.17 6.19
C PHE B 214 -25.19 2.40 4.82
N ILE B 215 -25.90 1.39 4.30
CA ILE B 215 -26.58 1.53 3.02
C ILE B 215 -27.64 2.62 3.09
N GLU B 216 -28.37 2.68 4.21
CA GLU B 216 -29.38 3.71 4.43
C GLU B 216 -28.77 5.11 4.38
N ASN B 217 -27.76 5.37 5.23
CA ASN B 217 -27.13 6.68 5.26
C ASN B 217 -26.69 7.13 3.87
N GLY B 218 -25.97 6.27 3.16
CA GLY B 218 -25.58 6.60 1.79
C GLY B 218 -26.78 6.98 0.93
N ARG B 219 -27.81 6.15 0.93
CA ARG B 219 -29.00 6.46 0.15
C ARG B 219 -29.63 7.75 0.65
N ALA B 220 -29.67 7.93 1.98
CA ALA B 220 -30.31 9.09 2.58
C ALA B 220 -29.60 10.37 2.20
N MET B 221 -28.28 10.32 2.12
CA MET B 221 -27.51 11.54 1.88
C MET B 221 -27.80 12.15 0.52
N ALA B 222 -28.12 11.32 -0.47
CA ALA B 222 -28.45 11.87 -1.78
C ALA B 222 -29.67 12.77 -1.70
N ARG B 223 -30.62 12.44 -0.82
CA ARG B 223 -31.86 13.21 -0.76
C ARG B 223 -31.67 14.54 -0.06
N ALA B 224 -30.60 14.68 0.72
CA ALA B 224 -30.35 15.88 1.52
C ALA B 224 -30.19 17.11 0.63
N ASP B 225 -30.42 18.28 1.22
CA ASP B 225 -30.35 19.51 0.42
C ASP B 225 -28.92 19.82 0.09
N GLY B 226 -28.00 19.49 0.98
CA GLY B 226 -26.59 19.67 0.73
C GLY B 226 -25.78 18.84 1.69
N ILE B 227 -24.53 18.58 1.27
CA ILE B 227 -23.55 17.89 2.10
C ILE B 227 -22.34 18.83 2.29
N ILE B 228 -21.87 18.95 3.52
CA ILE B 228 -20.76 19.84 3.87
C ILE B 228 -19.60 19.01 4.41
N ILE B 229 -18.43 19.19 3.80
CA ILE B 229 -17.20 18.40 4.12
C ILE B 229 -16.05 19.32 4.49
N ASN B 230 -15.19 18.83 5.36
CA ASN B 230 -14.00 19.53 5.78
C ASN B 230 -12.82 19.13 4.90
N THR B 231 -12.97 19.31 3.58
CA THR B 231 -11.88 19.09 2.65
C THR B 231 -11.74 20.27 1.70
N TRP B 232 -10.61 20.32 1.01
CA TRP B 232 -10.38 21.33 0.00
C TRP B 232 -9.95 20.68 -1.29
N GLU B 233 -9.98 21.46 -2.38
CA GLU B 233 -9.73 20.89 -3.70
C GLU B 233 -8.29 20.41 -3.83
N ALA B 234 -7.34 21.14 -3.25
CA ALA B 234 -5.95 20.72 -3.31
C ALA B 234 -5.74 19.39 -2.60
N LEU B 235 -6.51 19.11 -1.58
CA LEU B 235 -6.21 17.95 -0.76
C LEU B 235 -6.77 16.69 -1.41
N GLU B 236 -7.93 16.79 -2.05
CA GLU B 236 -8.61 15.65 -2.68
C GLU B 236 -9.18 16.05 -4.03
N PRO B 237 -8.32 16.51 -4.96
CA PRO B 237 -8.82 16.89 -6.29
C PRO B 237 -9.51 15.75 -7.00
N ALA B 238 -8.92 14.57 -6.98
CA ALA B 238 -9.52 13.44 -7.67
C ALA B 238 -10.87 13.10 -7.06
N THR B 239 -10.90 12.83 -5.74
CA THR B 239 -12.17 12.43 -5.13
C THR B 239 -13.23 13.52 -5.30
N LEU B 240 -12.86 14.80 -5.16
CA LEU B 240 -13.85 15.88 -5.29
C LEU B 240 -14.35 16.02 -6.72
N ALA B 241 -13.43 15.96 -7.69
CA ALA B 241 -13.81 16.09 -9.08
C ALA B 241 -14.83 15.02 -9.48
N ALA B 242 -14.59 13.76 -9.09
CA ALA B 242 -15.62 12.75 -9.26
C ALA B 242 -16.87 13.16 -8.51
N LEU B 243 -16.69 13.72 -7.32
CA LEU B 243 -17.83 14.08 -6.48
C LEU B 243 -18.59 15.24 -7.07
N GLN B 244 -17.88 16.12 -7.80
CA GLN B 244 -18.52 17.32 -8.36
C GLN B 244 -19.70 16.95 -9.26
N GLY B 245 -19.63 15.78 -9.88
CA GLY B 245 -20.69 15.39 -10.79
C GLY B 245 -21.98 15.12 -10.04
N SER B 246 -21.87 14.54 -8.85
CA SER B 246 -23.06 14.22 -8.05
C SER B 246 -23.88 15.49 -7.80
N LYS B 247 -25.19 15.33 -7.86
CA LYS B 247 -26.11 16.45 -7.94
C LYS B 247 -27.18 16.27 -6.88
N ALA B 248 -27.38 17.30 -6.07
CA ALA B 248 -28.44 17.28 -5.07
C ALA B 248 -29.79 17.56 -5.72
N VAL B 249 -30.85 17.12 -5.05
CA VAL B 249 -32.19 17.21 -5.62
C VAL B 249 -32.54 18.66 -5.93
N SER B 250 -32.08 19.60 -5.09
CA SER B 250 -32.46 21.00 -5.20
C SER B 250 -31.58 21.78 -6.17
N GLY B 251 -31.37 21.25 -7.37
CA GLY B 251 -30.70 22.00 -8.42
C GLY B 251 -29.35 22.59 -8.08
N PHE B 252 -28.51 21.82 -7.38
CA PHE B 252 -27.22 22.34 -6.96
C PHE B 252 -26.30 21.15 -6.65
N PRO B 253 -25.00 21.37 -6.58
CA PRO B 253 -24.09 20.26 -6.27
C PRO B 253 -24.36 19.72 -4.88
N LEU B 254 -24.37 18.38 -4.76
CA LEU B 254 -24.68 17.79 -3.46
C LEU B 254 -23.61 18.14 -2.44
N VAL B 255 -22.36 18.24 -2.87
CA VAL B 255 -21.24 18.34 -1.95
C VAL B 255 -20.72 19.79 -1.92
N ILE B 256 -20.43 20.27 -0.72
CA ILE B 256 -20.03 21.65 -0.44
C ILE B 256 -18.75 21.61 0.40
N PRO B 257 -17.56 21.85 -0.18
CA PRO B 257 -16.36 21.86 0.66
C PRO B 257 -15.99 23.23 1.22
N VAL B 258 -16.03 23.28 2.55
CA VAL B 258 -15.72 24.47 3.31
C VAL B 258 -14.41 24.32 4.06
N GLY B 259 -13.71 23.18 3.89
CA GLY B 259 -12.50 22.92 4.61
C GLY B 259 -11.29 23.64 4.04
N PRO B 260 -10.26 23.89 4.86
CA PRO B 260 -10.08 23.47 6.25
C PRO B 260 -10.72 24.43 7.23
N LEU B 261 -11.14 23.93 8.38
CA LEU B 261 -11.69 24.73 9.46
C LEU B 261 -10.63 24.88 10.55
N LEU B 262 -10.40 26.12 10.98
CA LEU B 262 -9.35 26.45 11.93
C LEU B 262 -9.98 27.06 13.17
N ALA B 263 -9.79 26.45 14.34
CA ALA B 263 -10.18 27.12 15.56
C ALA B 263 -9.53 26.50 16.79
N ALA B 270 -2.93 21.99 32.64
CA ALA B 270 -3.59 20.92 31.90
C ALA B 270 -2.60 19.78 31.64
N ALA B 271 -2.98 18.81 30.79
CA ALA B 271 -2.03 17.77 30.43
C ALA B 271 -0.90 18.35 29.59
N ASP B 272 -1.19 19.41 28.83
CA ASP B 272 -0.15 20.10 28.07
C ASP B 272 0.79 20.90 28.97
N ASP B 273 0.41 21.16 30.22
CA ASP B 273 1.23 22.00 31.08
C ASP B 273 2.61 21.38 31.31
N LEU B 274 2.68 20.06 31.46
CA LEU B 274 3.96 19.36 31.53
C LEU B 274 4.56 19.13 30.15
N VAL B 275 3.86 19.48 29.09
CA VAL B 275 4.29 19.19 27.71
C VAL B 275 4.93 20.41 27.04
N ILE B 276 4.21 21.54 26.99
CA ILE B 276 4.73 22.73 26.31
C ILE B 276 6.10 23.16 26.82
N PRO B 277 6.35 23.24 28.14
CA PRO B 277 7.72 23.55 28.58
C PRO B 277 8.73 22.55 28.05
N TRP B 278 8.37 21.26 28.04
CA TRP B 278 9.29 20.24 27.56
C TRP B 278 9.57 20.41 26.07
N LEU B 279 8.53 20.70 25.29
CA LEU B 279 8.71 20.87 23.85
C LEU B 279 9.62 22.04 23.53
N ASP B 280 9.53 23.14 24.28
CA ASP B 280 10.33 24.31 23.95
C ASP B 280 11.82 24.01 24.11
N ALA B 281 12.18 23.15 25.05
CA ALA B 281 13.59 22.80 25.18
C ALA B 281 14.09 22.06 23.94
N GLN B 282 13.21 21.32 23.28
CA GLN B 282 13.63 20.40 22.23
C GLN B 282 14.00 21.13 20.94
N PRO B 283 15.00 20.61 20.21
CA PRO B 283 15.44 21.27 18.97
C PRO B 283 14.35 21.27 17.92
N ALA B 284 14.46 22.23 17.00
CA ALA B 284 13.44 22.45 15.98
C ALA B 284 13.25 21.19 15.18
N SER B 285 11.98 20.81 14.99
CA SER B 285 11.61 19.69 14.15
C SER B 285 12.39 18.42 14.48
N SER B 286 12.58 18.15 15.77
CA SER B 286 13.27 16.95 16.22
C SER B 286 12.41 15.99 17.03
N VAL B 287 11.12 16.25 17.19
CA VAL B 287 10.27 15.44 18.07
C VAL B 287 9.17 14.79 17.25
N VAL B 288 9.10 13.47 17.34
CA VAL B 288 7.96 12.71 16.82
C VAL B 288 6.79 12.90 17.77
N PHE B 289 5.61 13.15 17.21
CA PHE B 289 4.39 13.25 17.98
C PHE B 289 3.47 12.12 17.59
N VAL B 290 3.09 11.28 18.54
CA VAL B 290 2.22 10.14 18.27
C VAL B 290 0.96 10.22 19.15
N SER B 291 -0.19 10.26 18.49
CA SER B 291 -1.49 10.33 19.13
C SER B 291 -2.54 9.71 18.21
N PHE B 292 -3.46 8.96 18.82
CA PHE B 292 -4.53 8.30 18.09
C PHE B 292 -5.89 8.96 18.26
N GLY B 293 -5.94 10.20 18.73
CA GLY B 293 -7.22 10.88 18.77
C GLY B 293 -8.01 10.55 20.03
N SER B 294 -9.34 10.60 19.91
CA SER B 294 -10.21 10.35 21.07
C SER B 294 -10.21 8.87 21.50
N ARG B 295 -10.33 7.96 20.52
CA ARG B 295 -10.36 6.51 20.83
C ARG B 295 -9.09 5.82 20.31
N THR B 296 -8.25 5.31 21.22
CA THR B 296 -6.97 4.67 20.85
C THR B 296 -6.92 3.23 21.36
N ALA B 297 -7.71 2.34 20.77
CA ALA B 297 -7.71 0.97 21.26
C ALA B 297 -6.43 0.28 20.75
N LEU B 298 -5.35 0.40 21.52
CA LEU B 298 -4.12 -0.34 21.25
C LEU B 298 -3.92 -1.47 22.28
N SER B 299 -3.71 -2.69 21.80
CA SER B 299 -3.45 -3.83 22.68
C SER B 299 -2.11 -3.70 23.38
N ALA B 300 -1.99 -4.34 24.54
CA ALA B 300 -0.76 -4.22 25.35
C ALA B 300 0.44 -4.80 24.63
N GLU B 301 0.27 -5.94 23.97
CA GLU B 301 1.35 -6.48 23.14
C GLU B 301 1.77 -5.48 22.08
N GLN B 302 0.81 -4.93 21.34
CA GLN B 302 1.12 -3.89 20.36
C GLN B 302 1.70 -2.65 21.04
N LEU B 303 1.15 -2.27 22.18
CA LEU B 303 1.64 -1.10 22.90
C LEU B 303 3.13 -1.23 23.21
N ARG B 304 3.56 -2.41 23.71
CA ARG B 304 4.96 -2.56 24.10
C ARG B 304 5.85 -2.29 22.90
N GLU B 305 5.44 -2.78 21.75
CA GLU B 305 6.26 -2.58 20.53
C GLU B 305 6.33 -1.10 20.16
N LEU B 306 5.21 -0.36 20.13
CA LEU B 306 5.29 1.02 19.80
C LEU B 306 6.24 1.73 20.75
N ALA B 307 6.18 1.36 22.02
CA ALA B 307 7.08 1.96 22.98
C ALA B 307 8.53 1.61 22.67
N ALA B 308 8.79 0.35 22.32
CA ALA B 308 10.15 -0.06 21.98
C ALA B 308 10.66 0.64 20.73
N GLY B 309 9.80 0.76 19.71
CA GLY B 309 10.18 1.49 18.51
C GLY B 309 10.60 2.93 18.79
N LEU B 310 9.85 3.63 19.61
CA LEU B 310 10.20 5.02 19.91
C LEU B 310 11.56 5.09 20.59
N GLU B 311 11.84 4.18 21.51
CA GLU B 311 13.16 4.14 22.10
C GLU B 311 14.20 3.80 21.04
N SER B 312 13.90 2.81 20.20
CA SER B 312 14.84 2.43 19.15
C SER B 312 14.84 3.41 17.98
N SER B 313 13.91 4.36 17.95
CA SER B 313 13.87 5.33 16.85
C SER B 313 15.14 6.17 16.80
N GLY B 314 15.68 6.52 17.94
CA GLY B 314 16.80 7.42 17.96
C GLY B 314 16.44 8.87 17.80
N CYS B 315 15.15 9.20 17.83
CA CYS B 315 14.71 10.59 17.83
C CYS B 315 13.71 10.82 18.95
N ARG B 316 13.65 12.07 19.41
CA ARG B 316 12.74 12.41 20.51
C ARG B 316 11.30 12.19 20.08
N PHE B 317 10.45 11.84 21.05
CA PHE B 317 9.04 11.62 20.74
C PHE B 317 8.16 12.12 21.87
N LEU B 318 7.02 12.69 21.50
CA LEU B 318 5.95 13.04 22.42
C LEU B 318 4.80 12.08 22.21
N TRP B 319 4.44 11.34 23.25
CA TRP B 319 3.43 10.31 23.15
C TRP B 319 2.29 10.61 24.12
N VAL B 320 1.05 10.52 23.64
CA VAL B 320 -0.11 10.75 24.50
C VAL B 320 -0.98 9.51 24.42
N LEU B 321 -1.56 9.13 25.58
CA LEU B 321 -2.41 7.94 25.70
C LEU B 321 -3.76 8.28 26.34
N GLU B 339 0.85 3.19 35.16
CA GLU B 339 1.17 1.78 35.26
C GLU B 339 1.94 1.36 34.02
N LEU B 340 3.20 1.79 33.96
CA LEU B 340 4.03 1.47 32.82
C LEU B 340 4.25 -0.03 32.71
N LEU B 341 4.27 -0.52 31.47
CA LEU B 341 4.47 -1.94 31.25
C LEU B 341 5.92 -2.33 31.50
N GLY B 342 6.86 -1.45 31.10
CA GLY B 342 8.23 -1.55 31.51
C GLY B 342 8.47 -0.68 32.74
N GLU B 343 9.01 -1.29 33.79
CA GLU B 343 9.12 -0.61 35.08
C GLU B 343 10.03 0.62 34.98
N GLY B 344 11.21 0.45 34.41
CA GLY B 344 12.16 1.53 34.26
C GLY B 344 12.15 2.19 32.91
N PHE B 345 11.25 1.77 32.02
CA PHE B 345 11.17 2.37 30.69
C PHE B 345 11.05 3.89 30.77
N LEU B 346 10.11 4.40 31.56
CA LEU B 346 9.91 5.84 31.69
C LEU B 346 11.17 6.54 32.18
N GLN B 347 11.76 6.03 33.27
CA GLN B 347 12.99 6.64 33.79
C GLN B 347 14.11 6.56 32.77
N ARG B 348 14.20 5.43 32.07
CA ARG B 348 15.27 5.26 31.09
C ARG B 348 15.14 6.25 29.94
N VAL B 349 13.90 6.52 29.50
CA VAL B 349 13.66 7.29 28.28
C VAL B 349 13.32 8.75 28.55
N GLU B 350 13.38 9.17 29.82
CA GLU B 350 12.94 10.53 30.16
C GLU B 350 13.69 11.58 29.36
N TRP B 351 14.99 11.37 29.15
CA TRP B 351 15.78 12.34 28.40
C TRP B 351 15.33 12.43 26.95
N LYS B 352 14.97 11.30 26.36
CA LYS B 352 14.64 11.31 24.91
C LYS B 352 13.20 11.74 24.64
N GLY B 353 12.26 11.39 25.49
CA GLY B 353 10.88 11.73 25.18
C GLY B 353 9.95 11.69 26.38
N LYS B 354 8.85 12.43 26.26
CA LYS B 354 7.81 12.49 27.28
C LYS B 354 6.52 11.86 26.77
N VAL B 355 5.89 11.07 27.64
CA VAL B 355 4.63 10.41 27.32
C VAL B 355 3.61 10.82 28.37
N VAL B 356 2.41 11.21 27.93
CA VAL B 356 1.37 11.69 28.84
C VAL B 356 0.07 10.94 28.57
N SER B 357 -0.62 10.51 29.62
CA SER B 357 -1.87 9.73 29.42
C SER B 357 -3.08 10.63 29.21
N GLY B 358 -2.98 11.92 29.56
CA GLY B 358 -4.16 12.79 29.46
C GLY B 358 -4.48 13.33 28.07
N TRP B 359 -5.50 14.17 27.99
CA TRP B 359 -5.89 14.86 26.75
C TRP B 359 -4.86 15.96 26.54
N VAL B 360 -4.55 16.35 25.30
CA VAL B 360 -3.42 17.32 25.14
C VAL B 360 -3.86 18.51 24.26
N ASP B 361 -2.97 19.21 23.57
CA ASP B 361 -3.43 20.33 22.72
C ASP B 361 -2.85 20.10 21.34
N GLN B 362 -3.49 19.26 20.53
CA GLN B 362 -2.89 18.84 19.24
C GLN B 362 -2.57 20.04 18.36
N ARG B 363 -3.46 21.02 18.29
CA ARG B 363 -3.18 22.16 17.40
C ARG B 363 -1.90 22.87 17.85
N ALA B 364 -1.73 23.08 19.15
CA ALA B 364 -0.48 23.73 19.59
C ALA B 364 0.70 22.81 19.25
N VAL B 365 0.54 21.52 19.51
CA VAL B 365 1.66 20.58 19.25
C VAL B 365 2.01 20.61 17.77
N LEU B 366 1.00 20.48 16.92
CA LEU B 366 1.25 20.46 15.48
C LEU B 366 1.91 21.75 15.00
N ASP B 367 1.52 22.89 15.58
CA ASP B 367 2.13 24.15 15.22
C ASP B 367 3.41 24.44 16.00
N HIS B 368 3.84 23.52 16.85
CA HIS B 368 5.04 23.80 17.63
C HIS B 368 6.29 23.63 16.75
N PRO B 369 7.25 24.52 16.90
CA PRO B 369 8.46 24.44 16.05
C PRO B 369 9.30 23.21 16.29
N SER B 370 9.34 22.71 17.52
CA SER B 370 10.27 21.63 17.83
C SER B 370 9.79 20.30 17.30
N VAL B 371 8.48 20.15 17.06
CA VAL B 371 8.02 18.86 16.57
C VAL B 371 8.14 18.82 15.06
N GLY B 372 8.64 17.70 14.55
CA GLY B 372 8.99 17.56 13.16
C GLY B 372 8.16 16.53 12.42
N GLY B 373 7.51 15.62 13.13
CA GLY B 373 6.75 14.58 12.46
C GLY B 373 5.62 14.09 13.32
N PHE B 374 4.60 13.55 12.66
CA PHE B 374 3.36 13.14 13.31
C PHE B 374 3.02 11.70 12.95
N VAL B 375 3.05 10.82 13.94
CA VAL B 375 2.56 9.46 13.79
C VAL B 375 1.09 9.52 14.08
N SER B 376 0.25 9.08 13.14
CA SER B 376 -1.17 9.26 13.33
C SER B 376 -1.97 8.06 12.92
N HIS B 377 -3.13 7.97 13.55
CA HIS B 377 -4.22 7.05 13.23
C HIS B 377 -5.09 7.54 12.07
N CYS B 378 -4.85 8.76 11.57
CA CYS B 378 -5.50 9.27 10.35
C CYS B 378 -7.00 9.45 10.57
N GLY B 379 -7.32 9.97 11.75
CA GLY B 379 -8.62 10.58 11.95
C GLY B 379 -8.70 11.85 11.12
N TRP B 380 -9.86 12.06 10.50
CA TRP B 380 -9.97 13.13 9.52
C TRP B 380 -9.69 14.47 10.15
N ASN B 381 -10.12 14.67 11.38
CA ASN B 381 -9.81 15.95 11.98
C ASN B 381 -8.32 16.10 12.19
N SER B 382 -7.66 15.04 12.66
CA SER B 382 -6.20 15.17 12.90
C SER B 382 -5.47 15.31 11.56
N VAL B 383 -6.02 14.75 10.49
CA VAL B 383 -5.31 14.90 9.22
C VAL B 383 -5.30 16.37 8.82
N THR B 384 -6.48 17.00 8.79
CA THR B 384 -6.60 18.41 8.43
C THR B 384 -5.73 19.26 9.33
N GLU B 385 -5.67 18.96 10.62
CA GLU B 385 -4.81 19.71 11.51
C GLU B 385 -3.35 19.47 11.20
N ALA B 386 -2.99 18.24 10.85
CA ALA B 386 -1.63 17.93 10.40
C ALA B 386 -1.31 18.61 9.07
N ALA B 387 -2.27 18.61 8.15
CA ALA B 387 -2.13 19.36 6.91
C ALA B 387 -1.84 20.83 7.19
N LEU B 388 -2.62 21.46 8.07
CA LEU B 388 -2.35 22.85 8.41
C LEU B 388 -0.96 22.98 9.01
N GLY B 389 -0.60 22.07 9.91
CA GLY B 389 0.69 22.18 10.55
C GLY B 389 1.82 22.02 9.55
N GLY B 390 1.58 21.28 8.49
CA GLY B 390 2.65 20.83 7.64
C GLY B 390 3.57 19.78 8.23
N MET B 391 3.19 19.13 9.34
CA MET B 391 3.93 17.99 9.86
C MET B 391 3.81 16.83 8.90
N ARG B 392 4.96 16.25 8.56
CA ARG B 392 4.95 15.02 7.73
C ARG B 392 4.31 13.96 8.62
N VAL B 393 3.40 13.17 8.07
CA VAL B 393 2.63 12.21 8.85
C VAL B 393 3.00 10.79 8.44
N LEU B 394 3.40 9.98 9.41
CA LEU B 394 3.45 8.54 9.26
C LEU B 394 2.07 8.00 9.64
N ALA B 395 1.46 7.24 8.73
CA ALA B 395 0.03 6.89 8.80
C ALA B 395 -0.14 5.48 9.36
N TRP B 396 -0.73 5.37 10.54
CA TRP B 396 -1.06 4.08 11.13
C TRP B 396 -2.55 4.03 11.35
N PRO B 397 -3.35 3.96 10.30
CA PRO B 397 -4.81 4.06 10.46
C PRO B 397 -5.35 2.96 11.41
N ARG B 398 -6.17 3.29 12.41
CA ARG B 398 -6.53 2.21 13.37
C ARG B 398 -7.82 1.52 12.97
N HIS B 399 -8.86 2.27 12.67
CA HIS B 399 -10.09 1.55 12.25
C HIS B 399 -10.94 2.43 11.36
N GLY B 400 -12.15 1.96 11.12
CA GLY B 400 -13.11 2.63 10.27
C GLY B 400 -12.62 3.23 8.98
N ASP B 401 -12.90 4.53 8.76
CA ASP B 401 -12.46 5.26 7.55
C ASP B 401 -10.97 5.63 7.56
N GLN B 402 -10.28 5.31 8.66
CA GLN B 402 -8.87 5.73 8.83
C GLN B 402 -7.95 5.17 7.75
N ARG B 403 -8.27 4.02 7.17
CA ARG B 403 -7.41 3.51 6.11
C ARG B 403 -7.55 4.35 4.84
N ILE B 404 -8.79 4.60 4.42
CA ILE B 404 -9.04 5.49 3.29
C ILE B 404 -8.39 6.84 3.50
N ASN B 405 -8.47 7.38 4.73
CA ASN B 405 -7.80 8.64 5.04
C ASN B 405 -6.30 8.53 4.87
N ALA B 406 -5.73 7.37 5.22
CA ALA B 406 -4.30 7.15 5.01
C ALA B 406 -3.98 7.28 3.53
N MET B 407 -4.84 6.76 2.66
CA MET B 407 -4.60 6.88 1.24
C MET B 407 -4.54 8.34 0.82
N VAL B 408 -5.38 9.17 1.42
CA VAL B 408 -5.36 10.59 1.14
C VAL B 408 -4.04 11.21 1.57
N VAL B 409 -3.52 10.79 2.71
CA VAL B 409 -2.25 11.30 3.21
C VAL B 409 -1.11 11.01 2.22
N GLU B 410 -1.09 9.81 1.65
CA GLU B 410 0.02 9.44 0.77
C GLU B 410 -0.10 10.16 -0.56
N LYS B 411 -1.26 10.08 -1.20
CA LYS B 411 -1.41 10.76 -2.49
C LYS B 411 -1.11 12.24 -2.37
N SER B 412 -1.51 12.87 -1.27
CA SER B 412 -1.28 14.30 -1.09
C SER B 412 0.20 14.61 -0.89
N GLY B 413 1.00 13.63 -0.49
CA GLY B 413 2.37 13.90 -0.11
C GLY B 413 2.54 14.44 1.29
N LEU B 414 1.45 14.48 2.07
CA LEU B 414 1.51 14.86 3.47
C LEU B 414 2.27 13.83 4.29
N GLY B 415 2.22 12.59 3.88
CA GLY B 415 3.07 11.67 4.61
C GLY B 415 2.98 10.31 3.94
N LYS B 416 3.73 9.36 4.49
CA LYS B 416 3.83 8.00 3.92
C LYS B 416 3.07 6.98 4.77
N TRP B 417 2.45 5.99 4.11
CA TRP B 417 1.59 4.98 4.77
C TRP B 417 2.12 3.55 4.59
N PRO B 418 2.59 2.87 5.63
CA PRO B 418 3.00 1.48 5.53
C PRO B 418 1.70 0.66 5.44
N SER B 419 1.28 0.38 4.22
CA SER B 419 0.01 -0.30 3.85
C SER B 419 -0.06 -1.67 4.52
N LEU B 420 1.04 -2.41 4.46
CA LEU B 420 1.10 -3.76 5.07
C LEU B 420 0.89 -3.74 6.58
N TRP B 421 0.81 -2.58 7.22
CA TRP B 421 0.57 -2.54 8.66
C TRP B 421 -0.91 -2.82 8.97
N THR B 422 -1.19 -3.40 10.12
CA THR B 422 -2.48 -4.02 10.37
C THR B 422 -3.47 -3.09 11.10
N TRP B 423 -4.74 -3.47 10.95
CA TRP B 423 -5.87 -2.77 11.60
C TRP B 423 -6.09 -3.35 13.01
N GLU B 424 -7.06 -2.82 13.74
CA GLU B 424 -7.31 -3.36 15.10
C GLU B 424 -7.80 -4.80 15.01
N GLY B 425 -8.63 -5.11 14.01
CA GLY B 425 -9.16 -6.48 13.87
C GLY B 425 -8.06 -7.50 13.62
N ASP B 426 -7.10 -7.14 12.78
CA ASP B 426 -5.97 -8.04 12.39
C ASP B 426 -5.27 -8.60 13.62
N ASP B 427 -4.91 -9.89 13.56
CA ASP B 427 -4.25 -10.62 14.64
C ASP B 427 -2.80 -10.23 14.78
N GLU B 428 -2.14 -9.89 13.68
CA GLU B 428 -0.70 -9.78 13.69
C GLU B 428 -0.24 -8.44 14.25
N ILE B 429 0.73 -8.51 15.15
CA ILE B 429 1.35 -7.35 15.78
C ILE B 429 2.33 -6.70 14.81
N VAL B 430 2.64 -5.42 15.04
CA VAL B 430 3.65 -4.70 14.29
C VAL B 430 4.95 -4.67 15.07
N ARG B 431 5.99 -5.26 14.51
CA ARG B 431 7.29 -5.37 15.19
C ARG B 431 7.88 -3.97 15.49
N ARG B 432 8.63 -3.89 16.59
CA ARG B 432 9.26 -2.63 16.99
C ARG B 432 10.28 -2.19 15.97
N GLU B 433 11.11 -3.12 15.54
CA GLU B 433 12.14 -2.80 14.58
C GLU B 433 11.52 -2.20 13.33
N GLU B 434 10.39 -2.74 12.87
CA GLU B 434 9.73 -2.10 11.74
C GLU B 434 9.24 -0.71 12.12
N ILE B 435 8.61 -0.58 13.27
CA ILE B 435 8.15 0.74 13.74
C ILE B 435 9.30 1.73 13.82
N ALA B 436 10.46 1.31 14.34
CA ALA B 436 11.56 2.24 14.51
C ALA B 436 12.10 2.73 13.17
N GLY B 437 12.12 1.85 12.17
CA GLY B 437 12.63 2.24 10.88
C GLY B 437 11.84 3.37 10.27
N ARG B 438 10.52 3.23 10.24
CA ARG B 438 9.72 4.24 9.54
C ARG B 438 9.74 5.58 10.28
N VAL B 439 9.71 5.55 11.59
CA VAL B 439 9.79 6.79 12.35
C VAL B 439 11.12 7.48 12.08
N ALA B 440 12.23 6.74 12.18
CA ALA B 440 13.54 7.31 11.90
C ALA B 440 13.62 7.82 10.48
N GLU B 441 13.03 7.06 9.55
CA GLU B 441 13.04 7.48 8.16
C GLU B 441 12.20 8.73 7.96
N LEU B 442 10.99 8.73 8.50
CA LEU B 442 10.13 9.91 8.38
C LEU B 442 10.80 11.15 8.94
N MET B 443 11.39 11.02 10.12
CA MET B 443 12.01 12.18 10.79
C MET B 443 13.24 12.66 10.04
N ALA B 444 13.86 11.81 9.22
CA ALA B 444 15.10 12.19 8.56
C ALA B 444 14.93 12.51 7.08
N SER B 445 13.71 12.50 6.56
CA SER B 445 13.53 12.74 5.15
C SER B 445 13.23 14.20 4.89
N PRO B 446 14.17 14.97 4.32
CA PRO B 446 13.88 16.38 4.05
C PRO B 446 12.80 16.57 3.00
N ALA B 447 12.83 15.78 1.93
CA ALA B 447 11.86 15.94 0.85
C ALA B 447 10.45 15.71 1.36
N ALA B 448 10.27 14.77 2.30
CA ALA B 448 8.96 14.55 2.92
C ALA B 448 8.48 15.79 3.64
N ALA B 449 9.39 16.46 4.38
CA ALA B 449 9.08 17.73 5.00
C ALA B 449 8.62 18.75 3.96
N ALA B 450 9.35 18.86 2.85
CA ALA B 450 9.03 19.84 1.83
C ALA B 450 7.68 19.56 1.20
N ALA B 451 7.35 18.27 0.99
CA ALA B 451 6.04 17.94 0.46
C ALA B 451 4.94 18.33 1.44
N ALA B 452 5.18 18.11 2.73
CA ALA B 452 4.18 18.47 3.72
C ALA B 452 3.93 19.98 3.72
N ALA B 453 5.00 20.76 3.56
CA ALA B 453 4.85 22.22 3.50
C ALA B 453 4.00 22.67 2.31
N LYS B 454 3.97 21.89 1.23
CA LYS B 454 3.10 22.27 0.11
C LYS B 454 1.65 22.04 0.47
N VAL B 455 1.36 20.95 1.17
CA VAL B 455 0.00 20.75 1.62
C VAL B 455 -0.47 21.93 2.43
N LYS B 456 0.35 22.35 3.40
CA LYS B 456 0.03 23.48 4.24
C LYS B 456 -0.29 24.73 3.40
N GLU B 457 0.62 25.11 2.52
CA GLU B 457 0.37 26.26 1.65
C GLU B 457 -0.94 26.10 0.90
N GLU B 458 -1.13 24.97 0.26
CA GLU B 458 -2.36 24.79 -0.48
C GLU B 458 -3.57 24.88 0.45
N ALA B 459 -3.45 24.28 1.64
CA ALA B 459 -4.56 24.29 2.59
C ALA B 459 -4.88 25.70 3.02
N VAL B 460 -3.87 26.44 3.46
CA VAL B 460 -4.05 27.85 3.79
C VAL B 460 -4.65 28.61 2.60
N ARG B 461 -4.19 28.33 1.38
CA ARG B 461 -4.70 29.06 0.22
C ARG B 461 -6.21 28.91 0.13
N ALA B 462 -6.72 27.68 0.30
CA ALA B 462 -8.15 27.46 0.27
C ALA B 462 -8.83 28.12 1.46
N ALA B 463 -8.15 28.14 2.60
CA ALA B 463 -8.74 28.76 3.78
C ALA B 463 -8.73 30.27 3.66
N THR B 464 -7.65 30.85 3.16
CA THR B 464 -7.55 32.29 3.10
C THR B 464 -8.65 32.87 2.19
N ALA B 465 -8.91 34.16 2.39
CA ALA B 465 -10.03 34.79 1.71
C ALA B 465 -9.85 34.78 0.21
N GLY B 466 -10.94 34.57 -0.51
CA GLY B 466 -10.88 34.41 -1.94
C GLY B 466 -10.61 32.99 -2.40
N GLY B 467 -10.15 32.11 -1.50
CA GLY B 467 -9.85 30.74 -1.88
C GLY B 467 -11.11 29.95 -2.15
N SER B 468 -10.93 28.77 -2.74
CA SER B 468 -12.10 27.99 -3.16
C SER B 468 -12.99 27.64 -1.97
N SER B 469 -12.39 27.43 -0.80
CA SER B 469 -13.19 27.01 0.34
C SER B 469 -13.97 28.20 0.92
N GLN B 470 -13.30 29.32 1.20
CA GLN B 470 -14.02 30.47 1.75
C GLN B 470 -15.13 30.93 0.81
N ARG B 471 -14.92 30.79 -0.51
CA ARG B 471 -15.96 31.16 -1.45
C ARG B 471 -17.18 30.27 -1.28
N GLN B 472 -16.93 28.99 -1.02
CA GLN B 472 -18.04 28.05 -0.88
C GLN B 472 -18.85 28.33 0.40
N LEU B 473 -18.16 28.67 1.48
CA LEU B 473 -18.83 29.07 2.71
C LEU B 473 -19.61 30.38 2.51
N GLU B 474 -19.02 31.38 1.84
CA GLU B 474 -19.77 32.60 1.53
C GLU B 474 -21.01 32.27 0.70
N ASP B 475 -20.83 31.44 -0.31
CA ASP B 475 -21.94 31.10 -1.20
C ASP B 475 -22.97 30.23 -0.48
N LEU B 476 -22.52 29.34 0.40
CA LEU B 476 -23.47 28.55 1.19
C LEU B 476 -24.34 29.45 2.05
N VAL B 477 -23.72 30.45 2.69
CA VAL B 477 -24.45 31.36 3.56
C VAL B 477 -25.56 32.06 2.78
N SER B 478 -25.27 32.47 1.55
CA SER B 478 -26.28 33.16 0.76
C SER B 478 -27.52 32.30 0.58
N ARG B 479 -27.33 30.98 0.40
CA ARG B 479 -28.47 30.07 0.30
C ARG B 479 -29.41 30.23 1.47
N PHE B 480 -28.92 30.74 2.59
CA PHE B 480 -29.73 31.04 3.77
C PHE B 480 -30.34 32.43 3.70
N THR B 481 -29.55 33.45 3.34
CA THR B 481 -30.07 34.78 3.08
C THR B 481 -30.77 34.77 1.73
N CYS B 482 -31.96 34.18 1.73
CA CYS B 482 -32.83 34.20 0.56
C CYS B 482 -33.80 35.37 0.70
N SER B 483 -34.27 35.88 -0.44
CA SER B 483 -35.14 37.05 -0.47
C SER B 483 -36.63 36.71 -0.36
N1 UDP C . 18.35 -7.18 -17.54
C2 UDP C . 19.46 -6.70 -18.10
N3 UDP C . 19.39 -5.62 -18.89
C4 UDP C . 18.23 -4.98 -19.10
C5 UDP C . 17.03 -5.45 -18.50
C6 UDP C . 17.15 -6.60 -17.69
O2 UDP C . 20.54 -7.26 -17.90
O4 UDP C . 18.27 -3.83 -19.96
C1' UDP C . 18.45 -8.42 -16.73
C2' UDP C . 18.85 -8.04 -15.48
O2' UDP C . 20.23 -8.53 -15.31
C3' UDP C . 17.81 -8.86 -14.48
C4' UDP C . 17.21 -9.72 -15.26
O4' UDP C . 17.10 -9.16 -16.74
O3' UDP C . 18.60 -9.78 -13.68
C5' UDP C . 15.83 -10.16 -14.75
O5' UDP C . 14.78 -9.22 -15.11
PA UDP C . 13.48 -9.42 -14.01
O1A UDP C . 13.17 -10.91 -13.69
O2A UDP C . 13.70 -8.75 -12.61
O3A UDP C . 12.14 -8.82 -14.75
PB UDP C . 11.47 -9.63 -15.97
O1B UDP C . 11.18 -11.04 -15.52
O2B UDP C . 12.49 -9.73 -17.09
O3B UDP C . 10.10 -8.74 -16.31
N1 UDP D . -7.38 16.21 20.38
C2 UDP D . -6.76 17.12 21.20
N3 UDP D . -5.97 16.79 22.31
C4 UDP D . -5.89 15.40 22.51
C5 UDP D . -6.49 14.46 21.70
C6 UDP D . -7.25 14.89 20.59
O2 UDP D . -6.92 18.31 20.93
O4 UDP D . -5.17 14.69 23.50
C1' UDP D . -8.26 16.51 19.18
C2' UDP D . -7.53 17.01 18.16
O2' UDP D . -7.58 18.45 18.26
C3' UDP D . -8.47 16.65 16.80
C4' UDP D . -9.46 15.94 17.26
O4' UDP D . -8.93 15.23 18.60
O3' UDP D . -9.14 17.88 16.34
C5' UDP D . -10.12 15.06 16.20
O5' UDP D . -9.93 13.68 16.57
PA UDP D . -9.80 12.65 15.18
O1A UDP D . -11.00 12.81 14.13
O2A UDP D . -8.61 12.98 14.22
O3A UDP D . -9.77 11.13 15.91
PB UDP D . -11.18 10.45 16.31
O1B UDP D . -10.78 8.96 16.94
O2B UDP D . -11.85 11.40 17.27
O3B UDP D . -12.10 10.50 15.11
#